data_8YWF
#
_entry.id   8YWF
#
loop_
_entity.id
_entity.type
_entity.pdbx_description
1 polymer 'Guanine nucleotide-binding protein G(i) subunit alpha-1,Guanine nucleotide-binding protein G(s) subunit alpha isoforms short'
2 polymer 'Guanine nucleotide-binding protein G(I)/G(S)/G(T) subunit beta-1'
3 polymer 'Guanine nucleotide-binding protein G(I)/G(S)/G(O) subunit gamma-2'
4 polymer NB35
5 polymer Retatrutide
6 polymer 'Glucagon-like peptide 1 receptor'
7 non-polymer '20-[[(2~{S})-1-oxidanyl-1,5-bis(oxidanylidene)-5-[2-[2-(2-oxidanylideneethoxy)ethoxy]ethylamino]pentan-2-yl]amino]-20-oxidanylidene-icosanoic acid'
#
loop_
_entity_poly.entity_id
_entity_poly.type
_entity_poly.pdbx_seq_one_letter_code
_entity_poly.pdbx_strand_id
1 'polypeptide(L)'
;MGCTLSAEDKAAVERSKMIEKQLQKDKQVYRATHRLLLLGADNSGKSTIVKQMRIYHVNGYSEEECKQYKAVVYSNTIQS
IIAIIRAMGRLKIDFGDSARADDARQLFVLAGAAEEGFMTAELAGVIKRLWKDSGVQACFNRSREYQLNDSAAYYLNDLD
RIAQPNYIPTQQDVLRTRVKTSGIFETKFQVDKVNFHMFDVGAQRDERRKWIQCFNDVTAIIFVVDSSDYNRLQEALNDF
KSIWNNRWLRTISVILFLNKQDLLAEKVLAGKSKIEDYFPEFARYTTPEDATPEPGEDPRVTRAKYFIRDEFLRISTASG
DGRHYCYPHFTCSVDTENARRIFNDCRDIIQRMHLRQYELL
;
A
2 'polypeptide(L)'
;HHHHSSGLVPRGSHMASHHHHHHHHHHGSLLQSELDQLRQEAEQLKNQIRDARKACADATLSQITNNIDPVGRIQMRTRR
TLRGHLAKIYAMHWGTDSRLLVSASQDGKLIIWDSYTTNKVHAIPLRSSWVMTCAYAPSGNYVACGGLDNICSIYNLKTR
EGNVRVSRELAGHTGYLSCCRFLDDNQIVTSSGDTTCALWDIETGQQTTTFTGHTGDVMSLSLAPDTRLFVSGACDASAK
LWDVREGMCRQTFTGHESDINAICFFPNGNAFATGSDDATCRLFDLRADQELMTYSHDNIICGITSVSFSKSGRLLLAGY
DDFNCNVWDALKADRAGVLAGHDNRVSCLGVTDDGMAVATGSWDSFLKIWNGSSGGGGSGGGGSSGVSGWRLFKKIS
;
B
3 'polypeptide(L)' MASNNTASIAQARKLVEQLKMEANIDRIKVSKAAADLMAYCEAHAKEDPLLTPVPASENPFREKKFFCAIL G
4 'polypeptide(L)'
;MAQVQLQESGGGLVQPGGSLRLSCAASGFTFSNYKMNWVRQAPGKGLEWVSDISQSGASISYTGSVKGRFTISRDNAKNT
LYLQMNSLKPEDTAVYYCARCPAPFTRDCFDVTSTTYAYRGQGTQVTVSSHH
;
N
5 'polypeptide(L)' Y(AIB)QGTFTSDYSI(2ML)LDKKAQ(AIB)AFIEYLLEGGPSS P
6 'polypeptide(L)'
;RPQGATVSLWETVQKWREYRRQCQRSLTEDPPPATDLFCNRTFDEYACWPDGEPGSFVNVSCPWYLPWASSVPQGHVYRF
CTAEGLWLQKDNSSLPWRDLSECEESKRGERSSPEEQLLFLYIIYTVGYALSFSALVIASAILLGFRHLHCTRNYIHLNL
FASFILRALSVFIKDAALKWMYSTAAQQHQWDGLLSYQDSLSCRLVFLLMQYCVAANYYWLLVEGVYLYTLLAFSVLSEQ
WIFRLYVSIGWGVPLLFVVPWGIVKYLYEDEGCWTRNSNMNYWLIIRLPILFAIGVNFLIFVRVICIVVSKLKANLMCKT
DIKCRLAKSTLTLIPLLGTHEVIFAFVMDEHARGTLRFIKLFTELSFTSFQGLMVAILYCFVNNEVQLEFRKSWERWRLE
HLHIQRDSSMKPLKCPTSSLSSGATAGSSMYTATCQASCS
;
R
#
# COMPACT_ATOMS: atom_id res chain seq x y z
N CYS A 3 23.34 7.94 -25.58
CA CYS A 3 23.30 9.30 -26.10
C CYS A 3 24.55 10.09 -25.68
N THR A 4 24.83 11.16 -26.40
CA THR A 4 26.00 11.98 -26.11
C THR A 4 25.77 12.78 -24.83
N LEU A 5 26.75 12.75 -23.93
CA LEU A 5 26.70 13.47 -22.67
C LEU A 5 28.03 14.14 -22.40
N SER A 6 27.99 15.28 -21.73
CA SER A 6 29.21 16.00 -21.40
C SER A 6 29.94 15.33 -20.24
N ALA A 7 31.20 15.73 -20.05
CA ALA A 7 32.00 15.20 -18.95
C ALA A 7 31.38 15.57 -17.60
N GLU A 8 30.91 16.82 -17.47
CA GLU A 8 30.23 17.23 -16.25
C GLU A 8 28.96 16.43 -16.03
N ASP A 9 28.21 16.18 -17.11
CA ASP A 9 27.03 15.34 -17.01
C ASP A 9 27.38 13.92 -16.60
N LYS A 10 28.50 13.40 -17.12
CA LYS A 10 28.94 12.06 -16.71
C LYS A 10 29.29 12.02 -15.23
N ALA A 11 29.99 13.05 -14.75
CA ALA A 11 30.33 13.10 -13.32
C ALA A 11 29.06 13.20 -12.47
N ALA A 12 28.09 14.00 -12.91
CA ALA A 12 26.84 14.12 -12.17
C ALA A 12 26.10 12.78 -12.13
N VAL A 13 26.10 12.06 -13.26
CA VAL A 13 25.44 10.75 -13.31
C VAL A 13 26.15 9.77 -12.38
N GLU A 14 27.48 9.79 -12.35
CA GLU A 14 28.22 8.91 -11.45
C GLU A 14 27.91 9.23 -9.98
N ARG A 15 27.86 10.52 -9.64
CA ARG A 15 27.52 10.90 -8.27
C ARG A 15 26.10 10.47 -7.91
N SER A 16 25.16 10.64 -8.85
CA SER A 16 23.79 10.20 -8.61
C SER A 16 23.72 8.69 -8.42
N LYS A 17 24.50 7.93 -9.20
CA LYS A 17 24.54 6.48 -9.03
C LYS A 17 25.09 6.10 -7.66
N MET A 18 26.15 6.78 -7.21
CA MET A 18 26.68 6.51 -5.88
C MET A 18 25.66 6.82 -4.79
N ILE A 19 24.95 7.94 -4.94
CA ILE A 19 23.92 8.30 -3.96
C ILE A 19 22.79 7.29 -3.96
N GLU A 20 22.42 6.79 -5.15
CA GLU A 20 21.38 5.76 -5.23
C GLU A 20 21.84 4.47 -4.57
N LYS A 21 23.12 4.11 -4.74
CA LYS A 21 23.64 2.94 -4.07
C LYS A 21 23.58 3.10 -2.56
N GLN A 22 23.96 4.28 -2.06
CA GLN A 22 23.87 4.53 -0.62
C GLN A 22 22.44 4.47 -0.13
N LEU A 23 21.50 5.03 -0.90
CA LEU A 23 20.09 4.98 -0.52
C LEU A 23 19.57 3.56 -0.50
N GLN A 24 19.97 2.74 -1.47
CA GLN A 24 19.59 1.32 -1.47
C GLN A 24 20.16 0.60 -0.26
N LYS A 25 21.41 0.91 0.11
CA LYS A 25 22.00 0.32 1.31
C LYS A 25 21.22 0.70 2.56
N ASP A 26 20.82 1.97 2.66
CA ASP A 26 20.06 2.43 3.82
C ASP A 26 18.62 1.93 3.82
N LYS A 27 18.08 1.56 2.66
CA LYS A 27 16.70 1.10 2.59
C LYS A 27 16.50 -0.20 3.36
N GLN A 28 17.47 -1.13 3.24
CA GLN A 28 17.37 -2.38 3.99
C GLN A 28 17.38 -2.14 5.49
N VAL A 29 18.23 -1.21 5.95
CA VAL A 29 18.27 -0.87 7.37
C VAL A 29 16.94 -0.24 7.80
N TYR A 30 16.41 0.66 6.98
CA TYR A 30 15.17 1.35 7.34
C TYR A 30 14.00 0.39 7.43
N ARG A 31 13.89 -0.54 6.48
CA ARG A 31 12.73 -1.42 6.42
C ARG A 31 12.88 -2.68 7.28
N ALA A 32 14.04 -2.88 7.90
CA ALA A 32 14.24 -3.99 8.84
C ALA A 32 14.05 -3.57 10.29
N THR A 33 13.68 -2.31 10.53
CA THR A 33 13.50 -1.79 11.88
C THR A 33 12.07 -1.34 12.07
N HIS A 34 11.48 -1.72 13.19
CA HIS A 34 10.11 -1.37 13.53
C HIS A 34 10.11 -0.14 14.42
N ARG A 35 9.30 0.85 14.07
CA ARG A 35 9.21 2.11 14.80
C ARG A 35 7.93 2.14 15.61
N LEU A 36 8.05 2.47 16.89
CA LEU A 36 6.93 2.46 17.82
C LEU A 36 6.79 3.84 18.44
N LEU A 37 5.54 4.24 18.69
CA LEU A 37 5.25 5.52 19.33
C LEU A 37 4.74 5.26 20.74
N LEU A 38 5.52 5.69 21.74
CA LEU A 38 5.16 5.49 23.14
C LEU A 38 4.38 6.71 23.63
N LEU A 39 3.19 6.47 24.16
CA LEU A 39 2.33 7.53 24.68
C LEU A 39 1.79 7.13 26.05
N GLY A 40 1.51 8.13 26.86
CA GLY A 40 0.99 7.89 28.20
C GLY A 40 0.96 9.17 28.99
N ALA A 41 0.36 9.08 30.17
CA ALA A 41 0.25 10.22 31.07
C ALA A 41 1.51 10.34 31.92
N ASP A 42 1.55 11.39 32.74
CA ASP A 42 2.69 11.61 33.63
C ASP A 42 2.79 10.50 34.67
N ASN A 43 1.65 10.05 35.19
CA ASN A 43 1.61 8.99 36.19
C ASN A 43 1.55 7.60 35.58
N SER A 44 1.59 7.50 34.25
CA SER A 44 1.52 6.18 33.62
C SER A 44 2.76 5.35 33.88
N GLY A 45 3.89 6.00 34.16
CA GLY A 45 5.12 5.28 34.42
C GLY A 45 5.86 4.80 33.19
N LYS A 46 5.69 5.48 32.05
CA LYS A 46 6.39 5.07 30.83
C LYS A 46 7.89 5.26 30.95
N SER A 47 8.34 6.22 31.76
CA SER A 47 9.78 6.42 31.95
C SER A 47 10.40 5.21 32.62
N THR A 48 9.72 4.63 33.61
CA THR A 48 10.22 3.41 34.24
C THR A 48 10.28 2.27 33.23
N ILE A 49 9.28 2.18 32.35
CA ILE A 49 9.28 1.14 31.33
C ILE A 49 10.49 1.32 30.40
N VAL A 50 10.77 2.56 29.99
CA VAL A 50 11.91 2.82 29.12
C VAL A 50 13.22 2.46 29.83
N LYS A 51 13.34 2.83 31.10
CA LYS A 51 14.56 2.52 31.85
C LYS A 51 14.74 1.01 31.99
N GLN A 52 13.66 0.28 32.24
CA GLN A 52 13.76 -1.17 32.36
C GLN A 52 14.12 -1.82 31.02
N MET A 53 13.54 -1.31 29.93
CA MET A 53 13.78 -1.91 28.62
C MET A 53 15.10 -1.48 27.99
N ARG A 54 15.76 -0.46 28.52
CA ARG A 54 17.05 -0.05 27.98
C ARG A 54 18.15 -1.07 28.21
N ILE A 55 17.92 -2.08 29.06
CA ILE A 55 18.94 -3.09 29.32
C ILE A 55 19.24 -3.91 28.07
N TYR A 56 18.28 -4.04 27.15
CA TYR A 56 18.48 -4.79 25.93
C TYR A 56 19.44 -4.08 24.99
N ARG A 178 22.80 15.53 24.21
CA ARG A 178 21.42 15.95 24.32
C ARG A 178 21.32 17.37 24.89
N VAL A 179 20.14 17.97 24.79
CA VAL A 179 19.90 19.32 25.28
C VAL A 179 18.66 19.30 26.18
N LYS A 180 18.45 20.41 26.88
CA LYS A 180 17.30 20.56 27.76
C LYS A 180 15.97 20.58 27.01
N THR A 181 16.01 20.78 25.69
CA THR A 181 14.82 20.84 24.84
C THR A 181 14.96 19.84 23.70
N SER A 182 15.29 18.60 24.05
CA SER A 182 15.55 17.57 23.04
C SER A 182 14.33 17.33 22.14
N GLY A 183 13.13 17.55 22.68
CA GLY A 183 11.90 17.41 21.90
C GLY A 183 11.38 16.01 21.74
N ILE A 184 12.28 15.04 21.61
CA ILE A 184 11.90 13.63 21.47
C ILE A 184 13.09 12.78 21.87
N PHE A 185 12.83 11.62 22.45
CA PHE A 185 13.86 10.69 22.90
C PHE A 185 13.67 9.37 22.18
N GLU A 186 14.77 8.80 21.68
CA GLU A 186 14.74 7.53 20.98
C GLU A 186 15.47 6.47 21.80
N THR A 187 14.88 5.28 21.90
CA THR A 187 15.52 4.15 22.54
C THR A 187 15.48 2.96 21.59
N LYS A 188 16.62 2.33 21.38
CA LYS A 188 16.75 1.20 20.48
C LYS A 188 16.97 -0.08 21.28
N PHE A 189 16.07 -1.04 21.10
CA PHE A 189 16.20 -2.32 21.78
C PHE A 189 16.01 -3.46 20.79
N GLN A 190 16.81 -4.51 20.97
CA GLN A 190 16.83 -5.64 20.05
C GLN A 190 16.26 -6.87 20.74
N VAL A 191 15.21 -7.45 20.15
CA VAL A 191 14.59 -8.67 20.65
C VAL A 191 14.61 -9.70 19.52
N ASP A 192 15.19 -10.86 19.80
CA ASP A 192 15.31 -11.94 18.81
C ASP A 192 15.95 -11.45 17.52
N LYS A 193 17.03 -10.66 17.66
CA LYS A 193 17.76 -10.09 16.54
C LYS A 193 16.87 -9.21 15.66
N VAL A 194 15.85 -8.60 16.26
CA VAL A 194 14.97 -7.66 15.57
C VAL A 194 15.04 -6.34 16.32
N ASN A 195 15.39 -5.27 15.61
CA ASN A 195 15.56 -3.96 16.22
C ASN A 195 14.24 -3.21 16.28
N PHE A 196 14.02 -2.51 17.40
CA PHE A 196 12.85 -1.66 17.58
C PHE A 196 13.32 -0.31 18.11
N HIS A 197 12.82 0.76 17.49
CA HIS A 197 13.11 2.13 17.91
C HIS A 197 11.84 2.73 18.50
N MET A 198 11.83 2.94 19.81
CA MET A 198 10.68 3.52 20.49
C MET A 198 10.96 5.00 20.76
N PHE A 199 9.98 5.83 20.46
CA PHE A 199 10.12 7.28 20.53
C PHE A 199 9.19 7.82 21.62
N ASP A 200 9.78 8.36 22.68
CA ASP A 200 9.05 9.02 23.74
C ASP A 200 9.02 10.52 23.49
N VAL A 201 7.88 11.14 23.77
CA VAL A 201 7.68 12.56 23.51
C VAL A 201 7.92 13.32 24.80
N GLY A 202 8.87 14.25 24.76
CA GLY A 202 9.17 15.08 25.91
C GLY A 202 9.52 16.49 25.48
N ALA A 203 9.46 17.41 26.44
CA ALA A 203 9.71 18.83 26.20
C ALA A 203 8.81 19.37 25.08
N GLN A 204 7.55 18.94 25.10
CA GLN A 204 6.56 19.36 24.13
C GLN A 204 5.32 19.86 24.84
N ARG A 205 4.59 20.76 24.18
CA ARG A 205 3.36 21.28 24.74
C ARG A 205 2.28 20.20 24.75
N ASP A 206 1.26 20.41 25.60
CA ASP A 206 0.21 19.42 25.76
C ASP A 206 -0.62 19.24 24.49
N GLU A 207 -0.55 20.18 23.55
CA GLU A 207 -1.26 20.03 22.29
C GLU A 207 -0.64 18.90 21.48
N ARG A 208 -1.49 17.99 21.00
CA ARG A 208 -1.03 16.82 20.25
C ARG A 208 -1.75 16.61 18.92
N ARG A 209 -2.58 17.55 18.48
CA ARG A 209 -3.37 17.34 17.27
C ARG A 209 -2.53 17.40 16.00
N LYS A 210 -1.33 17.97 16.06
CA LYS A 210 -0.53 18.20 14.86
C LYS A 210 0.63 17.22 14.70
N TRP A 211 1.51 17.12 15.70
CA TRP A 211 2.67 16.26 15.57
C TRP A 211 2.32 14.78 15.61
N ILE A 212 1.14 14.42 16.14
CA ILE A 212 0.73 13.02 16.15
C ILE A 212 0.58 12.47 14.74
N GLN A 213 0.35 13.34 13.75
CA GLN A 213 0.27 12.91 12.36
C GLN A 213 1.62 12.43 11.84
N CYS A 214 2.71 12.80 12.50
CA CYS A 214 4.03 12.34 12.05
C CYS A 214 4.20 10.84 12.22
N PHE A 215 3.50 10.25 13.18
CA PHE A 215 3.61 8.82 13.46
C PHE A 215 2.48 8.06 12.74
N ASN A 216 2.45 8.22 11.42
CA ASN A 216 1.45 7.55 10.60
C ASN A 216 1.92 6.17 10.13
N ASP A 217 3.21 6.00 9.87
CA ASP A 217 3.76 4.76 9.36
C ASP A 217 4.44 3.93 10.46
N VAL A 218 4.27 4.31 11.73
CA VAL A 218 4.90 3.55 12.80
C VAL A 218 4.27 2.16 12.90
N THR A 219 5.03 1.22 13.46
CA THR A 219 4.53 -0.14 13.59
C THR A 219 3.33 -0.19 14.55
N ALA A 220 3.43 0.48 15.69
CA ALA A 220 2.36 0.45 16.67
C ALA A 220 2.51 1.64 17.62
N ILE A 221 1.44 1.92 18.35
CA ILE A 221 1.43 2.92 19.41
C ILE A 221 1.27 2.19 20.73
N ILE A 222 2.29 2.29 21.57
CA ILE A 222 2.28 1.69 22.90
C ILE A 222 1.67 2.72 23.85
N PHE A 223 0.41 2.51 24.22
CA PHE A 223 -0.31 3.41 25.12
C PHE A 223 -0.27 2.84 26.52
N VAL A 224 0.36 3.57 27.44
CA VAL A 224 0.52 3.15 28.82
C VAL A 224 -0.45 3.93 29.68
N VAL A 225 -1.28 3.23 30.43
CA VAL A 225 -2.28 3.84 31.29
C VAL A 225 -2.15 3.29 32.70
N ASP A 226 -2.12 4.18 33.68
CA ASP A 226 -2.04 3.79 35.09
C ASP A 226 -3.45 3.52 35.59
N SER A 227 -3.79 2.25 35.74
CA SER A 227 -5.13 1.87 36.15
C SER A 227 -5.32 1.96 37.66
N SER A 228 -4.23 2.08 38.43
CA SER A 228 -4.35 2.11 39.88
C SER A 228 -5.02 3.41 40.35
N ASP A 229 -4.55 4.55 39.85
CA ASP A 229 -5.08 5.84 40.29
C ASP A 229 -6.41 6.10 39.62
N TYR A 230 -7.43 6.39 40.42
CA TYR A 230 -8.76 6.67 39.92
C TYR A 230 -8.87 8.17 39.60
N ASN A 231 -10.10 8.62 39.30
CA ASN A 231 -10.45 10.01 38.98
C ASN A 231 -9.58 10.59 37.88
N ARG A 232 -8.84 9.73 37.17
CA ARG A 232 -8.11 10.13 35.98
C ARG A 232 -8.19 9.09 34.87
N LEU A 233 -8.85 7.95 35.10
CA LEU A 233 -8.97 6.94 34.06
C LEU A 233 -9.87 7.42 32.92
N GLN A 234 -10.80 8.33 33.21
CA GLN A 234 -11.63 8.89 32.15
C GLN A 234 -10.80 9.69 31.14
N GLU A 235 -9.80 10.43 31.64
CA GLU A 235 -8.90 11.15 30.74
C GLU A 235 -8.13 10.19 29.84
N ALA A 236 -7.65 9.09 30.40
CA ALA A 236 -6.95 8.08 29.60
C ALA A 236 -7.88 7.46 28.58
N LEU A 237 -9.13 7.19 28.97
CA LEU A 237 -10.10 6.63 28.03
C LEU A 237 -10.38 7.61 26.89
N ASN A 238 -10.53 8.89 27.20
CA ASN A 238 -10.77 9.89 26.16
C ASN A 238 -9.57 10.01 25.22
N ASP A 239 -8.36 10.01 25.77
CA ASP A 239 -7.17 10.08 24.92
C ASP A 239 -7.05 8.84 24.04
N PHE A 240 -7.34 7.66 24.60
CA PHE A 240 -7.30 6.44 23.80
C PHE A 240 -8.35 6.45 22.71
N LYS A 241 -9.55 6.96 23.01
CA LYS A 241 -10.59 7.05 22.00
C LYS A 241 -10.19 8.01 20.88
N SER A 242 -9.59 9.15 21.24
CA SER A 242 -9.14 10.10 20.23
C SER A 242 -8.06 9.49 19.35
N ILE A 243 -7.12 8.74 19.95
CA ILE A 243 -6.08 8.07 19.18
C ILE A 243 -6.69 7.02 18.27
N TRP A 244 -7.63 6.23 18.79
CA TRP A 244 -8.22 5.13 18.03
C TRP A 244 -9.01 5.63 16.84
N ASN A 245 -9.77 6.72 17.02
CA ASN A 245 -10.61 7.26 15.96
C ASN A 245 -9.89 8.28 15.08
N ASN A 246 -8.58 8.47 15.28
CA ASN A 246 -7.84 9.43 14.48
C ASN A 246 -7.77 8.98 13.03
N ARG A 247 -7.99 9.93 12.11
CA ARG A 247 -8.00 9.59 10.69
C ARG A 247 -6.65 9.09 10.22
N TRP A 248 -5.56 9.63 10.76
CA TRP A 248 -4.21 9.20 10.40
C TRP A 248 -3.69 8.08 11.28
N LEU A 249 -4.50 7.60 12.23
CA LEU A 249 -4.12 6.48 13.09
C LEU A 249 -5.12 5.33 13.00
N ARG A 250 -5.95 5.30 11.95
CA ARG A 250 -6.95 4.25 11.78
C ARG A 250 -6.35 2.92 11.33
N THR A 251 -5.10 2.92 10.87
CA THR A 251 -4.44 1.69 10.42
C THR A 251 -3.47 1.12 11.45
N ILE A 252 -2.76 1.98 12.16
CA ILE A 252 -1.79 1.53 13.16
C ILE A 252 -2.51 0.95 14.36
N SER A 253 -1.93 -0.11 14.93
CA SER A 253 -2.51 -0.76 16.09
C SER A 253 -1.99 -0.14 17.39
N VAL A 254 -2.71 -0.40 18.47
CA VAL A 254 -2.39 0.14 19.79
C VAL A 254 -2.16 -1.02 20.75
N ILE A 255 -1.05 -0.98 21.45
CA ILE A 255 -0.72 -1.95 22.49
C ILE A 255 -0.96 -1.28 23.84
N LEU A 256 -1.91 -1.80 24.60
CA LEU A 256 -2.28 -1.21 25.88
C LEU A 256 -1.46 -1.81 27.00
N PHE A 257 -0.87 -0.94 27.83
CA PHE A 257 -0.13 -1.36 29.02
C PHE A 257 -0.87 -0.83 30.24
N LEU A 258 -1.63 -1.72 30.89
CA LEU A 258 -2.30 -1.39 32.16
C LEU A 258 -1.25 -1.43 33.25
N ASN A 259 -0.50 -0.34 33.37
CA ASN A 259 0.66 -0.31 34.23
C ASN A 259 0.25 -0.20 35.70
N LYS A 260 1.18 -0.59 36.58
CA LYS A 260 1.03 -0.51 38.02
C LYS A 260 -0.19 -1.32 38.50
N GLN A 261 -0.14 -2.62 38.18
CA GLN A 261 -1.19 -3.53 38.62
C GLN A 261 -1.11 -3.83 40.11
N ASP A 262 0.10 -3.88 40.67
CA ASP A 262 0.25 -4.13 42.10
C ASP A 262 -0.37 -3.02 42.93
N LEU A 263 -0.19 -1.76 42.50
CA LEU A 263 -0.80 -0.64 43.22
C LEU A 263 -2.32 -0.72 43.14
N LEU A 264 -2.86 -1.09 41.98
CA LEU A 264 -4.31 -1.26 41.85
C LEU A 264 -4.82 -2.37 42.77
N ALA A 265 -4.09 -3.48 42.83
CA ALA A 265 -4.49 -4.58 43.71
C ALA A 265 -4.48 -4.16 45.17
N GLU A 266 -3.44 -3.42 45.58
CA GLU A 266 -3.38 -2.95 46.96
C GLU A 266 -4.50 -1.95 47.25
N LYS A 267 -4.81 -1.09 46.30
CA LYS A 267 -5.90 -0.12 46.50
C LYS A 267 -7.24 -0.83 46.62
N VAL A 268 -7.47 -1.87 45.81
CA VAL A 268 -8.69 -2.65 45.91
C VAL A 268 -8.75 -3.35 47.27
N LEU A 269 -7.63 -3.94 47.70
CA LEU A 269 -7.58 -4.60 49.00
C LEU A 269 -7.65 -3.63 50.17
N ALA A 270 -7.48 -2.32 49.92
CA ALA A 270 -7.55 -1.35 51.01
C ALA A 270 -8.96 -1.22 51.58
N GLY A 271 -9.98 -1.64 50.83
CA GLY A 271 -11.35 -1.57 51.30
C GLY A 271 -12.08 -0.30 50.96
N LYS A 272 -11.42 0.68 50.34
CA LYS A 272 -12.09 1.93 49.98
C LYS A 272 -13.21 1.68 48.98
N SER A 273 -12.95 0.87 47.96
CA SER A 273 -13.92 0.50 46.93
C SER A 273 -14.54 1.75 46.30
N LYS A 274 -13.66 2.63 45.82
CA LYS A 274 -14.08 3.87 45.17
C LYS A 274 -14.34 3.71 43.68
N ILE A 275 -14.09 2.52 43.12
CA ILE A 275 -14.28 2.31 41.69
C ILE A 275 -15.75 2.47 41.31
N GLU A 276 -16.66 2.03 42.19
CA GLU A 276 -18.08 2.16 41.89
C GLU A 276 -18.52 3.61 41.80
N ASP A 277 -17.92 4.49 42.61
CA ASP A 277 -18.32 5.89 42.60
C ASP A 277 -18.00 6.57 41.27
N TYR A 278 -16.81 6.35 40.73
CA TYR A 278 -16.43 6.99 39.48
C TYR A 278 -17.12 6.35 38.29
N PHE A 279 -17.23 5.03 38.27
CA PHE A 279 -17.87 4.30 37.17
C PHE A 279 -19.11 3.57 37.67
N PRO A 280 -20.31 4.09 37.41
CA PRO A 280 -21.52 3.36 37.83
C PRO A 280 -21.66 1.99 37.17
N GLU A 281 -21.06 1.79 36.01
CA GLU A 281 -21.16 0.51 35.31
C GLU A 281 -20.51 -0.63 36.10
N PHE A 282 -19.66 -0.30 37.07
CA PHE A 282 -19.07 -1.33 37.93
C PHE A 282 -20.01 -1.80 39.02
N ALA A 283 -21.20 -1.19 39.14
CA ALA A 283 -22.15 -1.63 40.15
C ALA A 283 -22.57 -3.07 39.93
N ARG A 284 -22.80 -3.46 38.67
CA ARG A 284 -23.09 -4.84 38.32
C ARG A 284 -22.24 -5.20 37.11
N TYR A 285 -21.30 -6.12 37.31
CA TYR A 285 -20.37 -6.52 36.26
C TYR A 285 -19.81 -7.90 36.61
N THR A 286 -20.16 -8.90 35.81
CA THR A 286 -19.66 -10.25 36.03
C THR A 286 -18.31 -10.43 35.32
N THR A 287 -17.43 -11.17 35.97
CA THR A 287 -16.12 -11.46 35.38
C THR A 287 -16.30 -12.30 34.12
N PRO A 288 -15.70 -11.90 33.00
CA PRO A 288 -15.86 -12.69 31.77
C PRO A 288 -15.28 -14.09 31.91
N GLU A 289 -15.91 -15.04 31.22
CA GLU A 289 -15.48 -16.43 31.31
C GLU A 289 -14.10 -16.66 30.73
N ASP A 290 -13.64 -15.78 29.83
CA ASP A 290 -12.31 -15.92 29.24
C ASP A 290 -11.21 -15.42 30.16
N ALA A 291 -11.55 -14.81 31.29
CA ALA A 291 -10.53 -14.30 32.20
C ALA A 291 -9.69 -15.44 32.76
N THR A 292 -8.40 -15.16 32.93
CA THR A 292 -7.43 -16.11 33.47
C THR A 292 -6.69 -15.46 34.63
N PRO A 293 -7.32 -15.38 35.80
CA PRO A 293 -6.67 -14.72 36.94
C PRO A 293 -5.45 -15.50 37.40
N GLU A 294 -4.45 -14.78 37.90
CA GLU A 294 -3.25 -15.40 38.42
C GLU A 294 -3.55 -16.15 39.71
N PRO A 295 -2.79 -17.21 40.01
CA PRO A 295 -3.02 -17.94 41.26
C PRO A 295 -2.80 -17.06 42.48
N GLY A 296 -3.61 -17.31 43.51
CA GLY A 296 -3.53 -16.53 44.73
C GLY A 296 -3.90 -15.07 44.54
N GLU A 297 -4.97 -14.81 43.80
CA GLU A 297 -5.43 -13.46 43.52
C GLU A 297 -6.86 -13.29 43.98
N ASP A 298 -7.14 -12.16 44.62
CA ASP A 298 -8.49 -11.88 45.10
C ASP A 298 -9.43 -11.70 43.90
N PRO A 299 -10.64 -12.28 43.96
CA PRO A 299 -11.58 -12.11 42.83
C PRO A 299 -11.95 -10.65 42.57
N ARG A 300 -11.96 -9.81 43.61
CA ARG A 300 -12.27 -8.39 43.39
C ARG A 300 -11.22 -7.72 42.53
N VAL A 301 -9.94 -8.03 42.77
CA VAL A 301 -8.87 -7.45 41.96
C VAL A 301 -9.02 -7.86 40.50
N THR A 302 -9.29 -9.15 40.27
CA THR A 302 -9.50 -9.64 38.91
C THR A 302 -10.69 -8.95 38.25
N ARG A 303 -11.78 -8.81 39.00
CA ARG A 303 -12.98 -8.18 38.44
C ARG A 303 -12.71 -6.74 38.06
N ALA A 304 -12.03 -5.99 38.94
CA ALA A 304 -11.72 -4.60 38.63
C ALA A 304 -10.78 -4.47 37.44
N LYS A 305 -9.74 -5.33 37.39
CA LYS A 305 -8.78 -5.27 36.30
C LYS A 305 -9.44 -5.58 34.96
N TYR A 306 -10.26 -6.63 34.93
CA TYR A 306 -10.96 -6.96 33.69
C TYR A 306 -12.05 -5.97 33.37
N PHE A 307 -12.63 -5.30 34.37
CA PHE A 307 -13.56 -4.21 34.08
C PHE A 307 -12.86 -3.05 33.38
N ILE A 308 -11.66 -2.68 33.84
CA ILE A 308 -10.89 -1.64 33.16
C ILE A 308 -10.53 -2.08 31.75
N ARG A 309 -10.09 -3.34 31.61
CA ARG A 309 -9.74 -3.84 30.29
C ARG A 309 -10.95 -3.82 29.34
N ASP A 310 -12.13 -4.21 29.84
CA ASP A 310 -13.33 -4.20 29.03
C ASP A 310 -13.79 -2.78 28.72
N GLU A 311 -13.56 -1.84 29.64
CA GLU A 311 -13.85 -0.43 29.34
C GLU A 311 -13.00 0.05 28.18
N PHE A 312 -11.72 -0.32 28.17
CA PHE A 312 -10.87 0.04 27.02
C PHE A 312 -11.32 -0.69 25.76
N LEU A 313 -11.68 -1.97 25.88
CA LEU A 313 -12.04 -2.77 24.70
C LEU A 313 -13.36 -2.30 24.09
N ARG A 314 -14.29 -1.81 24.91
CA ARG A 314 -15.54 -1.29 24.37
C ARG A 314 -15.29 -0.11 23.45
N ILE A 315 -14.39 0.80 23.85
CA ILE A 315 -14.02 1.92 23.00
C ILE A 315 -13.27 1.42 21.77
N SER A 316 -12.37 0.45 21.95
CA SER A 316 -11.57 -0.03 20.83
C SER A 316 -12.43 -0.68 19.76
N THR A 317 -13.40 -1.50 20.16
CA THR A 317 -14.24 -2.24 19.21
C THR A 317 -15.45 -1.42 18.78
N ALA A 318 -15.21 -0.22 18.27
CA ALA A 318 -16.27 0.63 17.74
C ALA A 318 -15.99 1.17 16.34
N SER A 319 -14.72 1.29 15.93
CA SER A 319 -14.39 1.75 14.60
C SER A 319 -13.28 0.94 13.93
N GLY A 320 -12.73 -0.05 14.60
CA GLY A 320 -11.69 -0.89 14.02
C GLY A 320 -12.23 -2.01 13.16
N ASP A 321 -12.67 -1.68 11.95
CA ASP A 321 -13.25 -2.68 11.05
C ASP A 321 -12.16 -3.54 10.43
N GLY A 322 -11.51 -4.37 11.24
CA GLY A 322 -10.49 -5.27 10.72
C GLY A 322 -9.22 -4.61 10.26
N ARG A 323 -8.98 -3.36 10.66
CA ARG A 323 -7.78 -2.63 10.26
C ARG A 323 -6.70 -2.64 11.34
N HIS A 324 -7.07 -2.29 12.58
CA HIS A 324 -6.14 -2.22 13.68
C HIS A 324 -6.78 -2.84 14.91
N TYR A 325 -5.95 -3.41 15.79
CA TYR A 325 -6.40 -4.09 16.98
C TYR A 325 -5.88 -3.39 18.24
N CYS A 326 -6.30 -3.92 19.38
CA CYS A 326 -6.05 -3.32 20.69
C CYS A 326 -5.56 -4.38 21.68
N TYR A 327 -4.45 -5.04 21.32
CA TYR A 327 -3.83 -6.06 22.15
C TYR A 327 -3.61 -5.57 23.58
N PRO A 328 -4.33 -6.12 24.55
CA PRO A 328 -4.17 -5.67 25.94
C PRO A 328 -3.12 -6.47 26.69
N HIS A 329 -2.48 -5.80 27.66
CA HIS A 329 -1.47 -6.42 28.49
C HIS A 329 -1.52 -5.80 29.88
N PHE A 330 -1.46 -6.65 30.90
CA PHE A 330 -1.38 -6.20 32.29
C PHE A 330 0.09 -6.14 32.69
N THR A 331 0.58 -4.92 32.96
CA THR A 331 2.00 -4.70 33.18
C THR A 331 2.22 -4.02 34.52
N CYS A 332 3.45 -4.15 35.02
CA CYS A 332 3.89 -3.48 36.23
C CYS A 332 5.21 -2.75 35.94
N SER A 333 5.67 -1.98 36.93
CA SER A 333 6.90 -1.22 36.76
C SER A 333 8.16 -2.08 36.89
N VAL A 334 8.02 -3.33 37.31
CA VAL A 334 9.15 -4.21 37.52
C VAL A 334 9.19 -5.36 36.51
N ASP A 335 8.17 -5.47 35.66
CA ASP A 335 8.12 -6.55 34.69
C ASP A 335 9.23 -6.41 33.67
N THR A 336 9.91 -7.53 33.40
CA THR A 336 10.96 -7.59 32.40
C THR A 336 10.51 -8.26 31.11
N GLU A 337 9.23 -8.61 31.00
CA GLU A 337 8.68 -9.27 29.83
C GLU A 337 7.96 -8.31 28.89
N ASN A 338 8.07 -7.00 29.14
CA ASN A 338 7.41 -6.03 28.28
C ASN A 338 7.98 -6.06 26.86
N ALA A 339 9.30 -6.21 26.74
CA ALA A 339 9.92 -6.26 25.41
C ALA A 339 9.43 -7.46 24.62
N ARG A 340 9.31 -8.62 25.27
CA ARG A 340 8.81 -9.80 24.58
C ARG A 340 7.36 -9.61 24.15
N ARG A 341 6.54 -9.00 24.99
CA ARG A 341 5.14 -8.72 24.63
C ARG A 341 5.07 -7.79 23.42
N ILE A 342 5.92 -6.75 23.42
CA ILE A 342 5.95 -5.83 22.29
C ILE A 342 6.38 -6.54 21.02
N PHE A 343 7.39 -7.39 21.12
CA PHE A 343 7.86 -8.15 19.95
C PHE A 343 6.76 -9.06 19.41
N ASN A 344 6.05 -9.76 20.32
CA ASN A 344 4.97 -10.64 19.89
C ASN A 344 3.84 -9.86 19.23
N ASP A 345 3.49 -8.70 19.80
CA ASP A 345 2.43 -7.88 19.21
C ASP A 345 2.84 -7.36 17.83
N CYS A 346 4.10 -6.95 17.69
CA CYS A 346 4.58 -6.49 16.38
C CYS A 346 4.57 -7.62 15.36
N ARG A 347 4.98 -8.82 15.78
CA ARG A 347 4.92 -9.98 14.89
C ARG A 347 3.49 -10.26 14.46
N ASP A 348 2.54 -10.19 15.40
CA ASP A 348 1.13 -10.40 15.07
C ASP A 348 0.64 -9.35 14.08
N ILE A 349 1.00 -8.09 14.30
CA ILE A 349 0.58 -7.02 13.40
C ILE A 349 1.13 -7.24 12.00
N ILE A 350 2.41 -7.60 11.90
CA ILE A 350 3.03 -7.84 10.60
C ILE A 350 2.36 -9.02 9.89
N GLN A 351 2.11 -10.10 10.64
CA GLN A 351 1.47 -11.26 10.04
C GLN A 351 0.06 -10.93 9.55
N ARG A 352 -0.70 -10.18 10.34
CA ARG A 352 -2.05 -9.80 9.91
C ARG A 352 -2.01 -8.90 8.68
N MET A 353 -1.04 -7.97 8.63
CA MET A 353 -0.90 -7.13 7.45
C MET A 353 -0.57 -7.94 6.22
N HIS A 354 0.34 -8.91 6.35
CA HIS A 354 0.70 -9.76 5.22
C HIS A 354 -0.49 -10.60 4.76
N LEU A 355 -1.27 -11.12 5.71
CA LEU A 355 -2.46 -11.88 5.34
C LEU A 355 -3.49 -11.00 4.64
N ARG A 356 -3.65 -9.76 5.11
CA ARG A 356 -4.58 -8.84 4.46
C ARG A 356 -4.13 -8.49 3.05
N GLN A 357 -2.81 -8.37 2.84
CA GLN A 357 -2.30 -8.11 1.49
C GLN A 357 -2.63 -9.25 0.53
N TYR A 358 -2.72 -10.48 1.04
CA TYR A 358 -3.08 -11.64 0.23
C TYR A 358 -4.57 -11.94 0.27
N GLU A 359 -5.37 -11.09 0.90
CA GLU A 359 -6.82 -11.29 1.04
C GLU A 359 -7.14 -12.60 1.75
N LEU A 360 -6.25 -13.05 2.63
CA LEU A 360 -6.48 -14.25 3.42
C LEU A 360 -7.12 -13.98 4.77
N LEU A 361 -7.31 -12.71 5.10
CA LEU A 361 -7.90 -12.32 6.40
C LEU A 361 -8.29 -10.86 6.25
N GLU B 34 -10.00 44.34 38.53
CA GLU B 34 -9.07 44.98 37.61
C GLU B 34 -9.02 44.22 36.29
N LEU B 35 -9.28 42.90 36.35
CA LEU B 35 -9.31 42.10 35.14
C LEU B 35 -10.57 42.38 34.32
N ASP B 36 -11.69 42.66 34.99
CA ASP B 36 -12.94 42.89 34.28
C ASP B 36 -12.85 44.13 33.39
N GLN B 37 -12.28 45.22 33.90
CA GLN B 37 -12.14 46.42 33.08
C GLN B 37 -11.15 46.20 31.94
N LEU B 38 -10.11 45.39 32.15
CA LEU B 38 -9.20 45.05 31.07
C LEU B 38 -9.92 44.28 29.97
N ARG B 39 -10.77 43.32 30.36
CA ARG B 39 -11.55 42.57 29.37
C ARG B 39 -12.52 43.49 28.63
N GLN B 40 -13.15 44.42 29.35
CA GLN B 40 -14.06 45.36 28.71
C GLN B 40 -13.33 46.24 27.70
N GLU B 41 -12.14 46.73 28.08
CA GLU B 41 -11.37 47.55 27.15
C GLU B 41 -10.90 46.72 25.95
N ALA B 42 -10.55 45.45 26.17
CA ALA B 42 -10.14 44.61 25.06
C ALA B 42 -11.27 44.37 24.08
N GLU B 43 -12.48 44.09 24.58
CA GLU B 43 -13.61 43.89 23.69
C GLU B 43 -14.00 45.19 23.00
N GLN B 44 -13.86 46.32 23.69
CA GLN B 44 -14.12 47.61 23.06
C GLN B 44 -13.13 47.88 21.92
N LEU B 45 -11.86 47.58 22.14
CA LEU B 45 -10.87 47.76 21.08
C LEU B 45 -11.13 46.81 19.91
N LYS B 46 -11.54 45.57 20.21
CA LYS B 46 -11.87 44.63 19.15
C LYS B 46 -13.07 45.13 18.33
N ASN B 47 -14.09 45.66 19.00
CA ASN B 47 -15.23 46.22 18.30
C ASN B 47 -14.83 47.43 17.45
N GLN B 48 -13.94 48.26 17.97
CA GLN B 48 -13.45 49.40 17.20
C GLN B 48 -12.70 48.95 15.95
N ILE B 49 -11.87 47.92 16.08
CA ILE B 49 -11.14 47.39 14.93
C ILE B 49 -12.12 46.81 13.91
N ARG B 50 -13.13 46.08 14.38
CA ARG B 50 -14.12 45.51 13.47
C ARG B 50 -14.90 46.61 12.75
N ASP B 51 -15.26 47.68 13.46
CA ASP B 51 -15.96 48.79 12.83
C ASP B 51 -15.08 49.48 11.80
N ALA B 52 -13.80 49.65 12.11
CA ALA B 52 -12.87 50.25 11.13
C ALA B 52 -12.76 49.37 9.89
N ARG B 53 -12.66 48.06 10.08
CA ARG B 53 -12.58 47.15 8.93
C ARG B 53 -13.86 47.22 8.09
N LYS B 54 -15.02 47.28 8.74
CA LYS B 54 -16.27 47.42 8.01
C LYS B 54 -16.32 48.73 7.24
N ALA B 55 -15.87 49.82 7.85
CA ALA B 55 -15.86 51.11 7.18
C ALA B 55 -14.93 51.11 5.97
N CYS B 56 -13.77 50.46 6.10
CA CYS B 56 -12.84 50.38 4.99
C CYS B 56 -13.27 49.38 3.92
N ALA B 57 -14.29 48.58 4.18
CA ALA B 57 -14.78 47.58 3.23
C ALA B 57 -15.86 48.24 2.37
N ASP B 58 -15.41 49.10 1.44
CA ASP B 58 -16.36 49.77 0.56
C ASP B 58 -16.91 48.83 -0.50
N ALA B 59 -16.06 47.95 -1.04
CA ALA B 59 -16.48 47.01 -2.06
C ALA B 59 -15.66 45.73 -1.94
N THR B 60 -16.19 44.66 -2.52
CA THR B 60 -15.54 43.36 -2.47
C THR B 60 -14.65 43.15 -3.69
N LEU B 61 -13.71 42.21 -3.55
CA LEU B 61 -12.82 41.89 -4.66
C LEU B 61 -13.56 41.23 -5.82
N SER B 62 -14.58 40.42 -5.51
CA SER B 62 -15.31 39.72 -6.56
C SER B 62 -16.01 40.68 -7.50
N GLN B 63 -16.64 41.73 -6.95
CA GLN B 63 -17.37 42.68 -7.78
C GLN B 63 -16.45 43.40 -8.74
N ILE B 64 -15.25 43.79 -8.27
CA ILE B 64 -14.31 44.49 -9.13
C ILE B 64 -13.79 43.60 -10.25
N THR B 65 -13.62 42.30 -10.00
CA THR B 65 -13.07 41.37 -10.99
C THR B 65 -14.16 40.59 -11.71
N ASN B 66 -15.41 41.06 -11.67
CA ASN B 66 -16.49 40.40 -12.38
C ASN B 66 -16.50 40.71 -13.87
N ASN B 67 -15.70 41.65 -14.34
CA ASN B 67 -15.65 42.02 -15.74
C ASN B 67 -14.40 41.54 -16.45
N ILE B 68 -13.38 41.10 -15.71
CA ILE B 68 -12.15 40.63 -16.35
C ILE B 68 -12.39 39.29 -17.04
N ASP B 69 -11.49 38.96 -17.95
CA ASP B 69 -11.59 37.70 -18.67
C ASP B 69 -11.26 36.54 -17.73
N PRO B 70 -12.16 35.56 -17.57
CA PRO B 70 -11.86 34.42 -16.69
C PRO B 70 -10.74 33.56 -17.28
N VAL B 71 -9.94 32.97 -16.39
CA VAL B 71 -8.86 32.09 -16.84
C VAL B 71 -9.45 30.80 -17.35
N GLY B 72 -8.80 30.21 -18.35
CA GLY B 72 -9.26 28.95 -18.91
C GLY B 72 -8.89 27.76 -18.06
N ARG B 73 -9.05 26.55 -18.59
CA ARG B 73 -8.76 25.32 -17.88
C ARG B 73 -7.30 24.98 -18.09
N ILE B 74 -6.49 25.07 -17.04
CA ILE B 74 -5.07 24.78 -17.11
C ILE B 74 -4.85 23.32 -16.71
N GLN B 75 -4.23 22.55 -17.59
CA GLN B 75 -3.97 21.13 -17.36
C GLN B 75 -2.47 20.94 -17.18
N MET B 76 -2.09 20.34 -16.06
CA MET B 76 -0.69 20.07 -15.75
C MET B 76 -0.37 18.61 -15.98
N ARG B 77 0.84 18.35 -16.47
CA ARG B 77 1.33 17.00 -16.71
C ARG B 77 2.63 16.79 -15.95
N THR B 78 2.77 15.62 -15.33
CA THR B 78 3.97 15.29 -14.58
C THR B 78 5.13 15.07 -15.54
N ARG B 79 5.99 16.08 -15.68
CA ARG B 79 7.13 16.00 -16.58
C ARG B 79 8.31 15.24 -15.99
N ARG B 80 8.32 15.00 -14.68
CA ARG B 80 9.47 14.39 -14.04
C ARG B 80 9.05 13.79 -12.71
N THR B 81 9.64 12.64 -12.37
CA THR B 81 9.40 11.96 -11.10
C THR B 81 10.72 11.80 -10.37
N LEU B 82 10.67 11.95 -9.04
CA LEU B 82 11.88 11.94 -8.22
C LEU B 82 11.80 10.87 -7.14
N ARG B 83 11.63 9.64 -7.62
CA ARG B 83 11.49 8.50 -6.71
C ARG B 83 12.84 8.21 -6.09
N GLY B 84 13.06 8.65 -4.87
CA GLY B 84 14.28 8.25 -4.21
C GLY B 84 14.17 8.21 -2.70
N HIS B 85 12.99 8.51 -2.17
CA HIS B 85 12.77 8.53 -0.73
C HIS B 85 12.18 7.22 -0.25
N LEU B 86 12.31 6.97 1.05
CA LEU B 86 11.82 5.75 1.68
C LEU B 86 10.56 5.95 2.49
N ALA B 87 10.46 7.04 3.25
CA ALA B 87 9.30 7.36 4.06
C ALA B 87 8.59 8.56 3.44
N LYS B 88 7.55 9.04 4.14
CA LYS B 88 6.78 10.17 3.64
C LYS B 88 7.65 11.42 3.53
N ILE B 89 7.40 12.21 2.49
CA ILE B 89 8.08 13.48 2.30
C ILE B 89 7.30 14.54 3.05
N TYR B 90 7.97 15.24 3.97
CA TYR B 90 7.24 16.19 4.80
C TYR B 90 7.34 17.62 4.30
N ALA B 91 8.48 18.01 3.75
CA ALA B 91 8.64 19.38 3.26
C ALA B 91 9.70 19.39 2.16
N MET B 92 9.64 20.42 1.32
CA MET B 92 10.62 20.62 0.27
C MET B 92 10.69 22.10 -0.06
N HIS B 93 11.81 22.50 -0.66
CA HIS B 93 12.04 23.91 -0.99
C HIS B 93 12.78 24.01 -2.32
N TRP B 94 12.56 25.12 -3.01
CA TRP B 94 13.19 25.37 -4.30
C TRP B 94 14.39 26.28 -4.14
N GLY B 95 15.45 25.99 -4.90
CA GLY B 95 16.60 26.85 -4.93
C GLY B 95 16.39 28.07 -5.83
N THR B 96 17.28 29.05 -5.68
CA THR B 96 17.18 30.27 -6.47
C THR B 96 17.54 30.06 -7.94
N ASP B 97 18.24 28.98 -8.27
CA ASP B 97 18.60 28.69 -9.65
C ASP B 97 17.51 27.93 -10.40
N SER B 98 16.43 27.54 -9.72
CA SER B 98 15.32 26.79 -10.30
C SER B 98 15.76 25.46 -10.92
N ARG B 99 16.90 24.94 -10.48
CA ARG B 99 17.42 23.66 -10.93
C ARG B 99 17.64 22.67 -9.81
N LEU B 100 18.11 23.13 -8.65
CA LEU B 100 18.37 22.28 -7.50
C LEU B 100 17.30 22.52 -6.44
N LEU B 101 16.71 21.43 -5.93
CA LEU B 101 15.71 21.53 -4.89
C LEU B 101 16.10 20.61 -3.73
N VAL B 102 15.57 20.90 -2.56
CA VAL B 102 15.85 20.13 -1.35
C VAL B 102 14.56 19.49 -0.88
N SER B 103 14.63 18.20 -0.51
CA SER B 103 13.49 17.45 -0.05
C SER B 103 13.82 16.74 1.25
N ALA B 104 12.88 16.77 2.19
CA ALA B 104 13.04 16.15 3.51
C ALA B 104 12.07 15.00 3.65
N SER B 105 12.60 13.83 4.02
CA SER B 105 11.78 12.63 4.17
C SER B 105 11.81 12.16 5.62
N GLN B 106 10.72 11.52 6.04
CA GLN B 106 10.55 11.12 7.43
C GLN B 106 11.47 9.98 7.85
N ASP B 107 12.17 9.36 6.91
CA ASP B 107 13.13 8.31 7.27
C ASP B 107 14.45 8.89 7.74
N GLY B 108 14.63 10.20 7.67
CA GLY B 108 15.86 10.84 8.07
C GLY B 108 16.78 11.23 6.94
N LYS B 109 16.25 11.63 5.78
CA LYS B 109 17.06 11.96 4.61
C LYS B 109 16.72 13.35 4.13
N LEU B 110 17.77 14.11 3.78
CA LEU B 110 17.65 15.41 3.14
C LEU B 110 18.34 15.30 1.79
N ILE B 111 17.56 15.22 0.72
CA ILE B 111 18.08 14.91 -0.60
C ILE B 111 18.01 16.15 -1.49
N ILE B 112 19.12 16.45 -2.16
CA ILE B 112 19.19 17.53 -3.14
C ILE B 112 18.97 16.93 -4.52
N TRP B 113 17.88 17.32 -5.16
CA TRP B 113 17.52 16.83 -6.48
C TRP B 113 17.87 17.86 -7.55
N ASP B 114 18.48 17.37 -8.63
CA ASP B 114 18.69 18.15 -9.83
C ASP B 114 17.42 18.01 -10.67
N SER B 115 16.64 19.10 -10.73
CA SER B 115 15.32 19.02 -11.33
C SER B 115 15.39 18.67 -12.80
N TYR B 116 16.35 19.23 -13.53
CA TYR B 116 16.40 19.02 -14.98
C TYR B 116 16.81 17.60 -15.33
N THR B 117 17.86 17.08 -14.70
CA THR B 117 18.44 15.81 -15.09
C THR B 117 18.00 14.63 -14.23
N THR B 118 17.11 14.85 -13.26
CA THR B 118 16.66 13.82 -12.33
C THR B 118 17.85 13.14 -11.64
N ASN B 119 18.77 13.97 -11.18
CA ASN B 119 20.00 13.51 -10.54
C ASN B 119 20.02 13.96 -9.09
N LYS B 120 20.60 13.12 -8.24
CA LYS B 120 20.75 13.41 -6.81
C LYS B 120 22.11 14.07 -6.60
N VAL B 121 22.10 15.29 -6.06
CA VAL B 121 23.34 16.02 -5.84
C VAL B 121 23.95 15.64 -4.49
N HIS B 122 23.14 15.65 -3.43
CA HIS B 122 23.59 15.30 -2.10
C HIS B 122 22.51 14.51 -1.39
N ALA B 123 22.94 13.70 -0.41
CA ALA B 123 22.01 12.93 0.43
C ALA B 123 22.52 13.03 1.86
N ILE B 124 21.96 13.96 2.62
CA ILE B 124 22.41 14.24 3.98
C ILE B 124 21.61 13.37 4.94
N PRO B 125 22.24 12.46 5.68
CA PRO B 125 21.55 11.80 6.79
C PRO B 125 21.27 12.77 7.91
N LEU B 126 20.21 12.50 8.65
CA LEU B 126 19.78 13.37 9.74
C LEU B 126 19.90 12.63 11.06
N ARG B 127 20.35 13.35 12.10
CA ARG B 127 20.45 12.76 13.42
C ARG B 127 19.09 12.33 13.94
N SER B 128 18.08 13.16 13.75
CA SER B 128 16.70 12.84 14.09
C SER B 128 15.92 12.56 12.81
N SER B 129 15.29 11.38 12.74
CA SER B 129 14.58 11.00 11.54
C SER B 129 13.28 11.79 11.36
N TRP B 130 12.77 12.40 12.42
CA TRP B 130 11.50 13.14 12.35
C TRP B 130 11.79 14.57 11.96
N VAL B 131 11.69 14.85 10.65
CA VAL B 131 11.94 16.18 10.10
C VAL B 131 10.64 16.69 9.50
N MET B 132 10.26 17.92 9.86
CA MET B 132 9.02 18.51 9.40
C MET B 132 9.22 19.72 8.49
N THR B 133 10.45 20.21 8.36
CA THR B 133 10.70 21.38 7.53
C THR B 133 12.12 21.33 6.98
N CYS B 134 12.34 22.07 5.90
CA CYS B 134 13.66 22.20 5.30
C CYS B 134 13.67 23.46 4.45
N ALA B 135 14.82 24.13 4.41
CA ALA B 135 14.98 25.38 3.68
C ALA B 135 16.25 25.35 2.85
N TYR B 136 16.23 26.06 1.73
CA TYR B 136 17.38 26.21 0.85
C TYR B 136 17.85 27.65 0.90
N ALA B 137 19.13 27.86 1.19
CA ALA B 137 19.66 29.20 1.29
C ALA B 137 19.64 29.88 -0.08
N PRO B 138 19.40 31.20 -0.13
CA PRO B 138 19.39 31.87 -1.44
C PRO B 138 20.70 31.77 -2.19
N SER B 139 21.83 31.73 -1.49
CA SER B 139 23.13 31.58 -2.14
C SER B 139 23.45 30.14 -2.50
N GLY B 140 22.70 29.17 -1.98
CA GLY B 140 22.92 27.78 -2.29
C GLY B 140 24.08 27.13 -1.57
N ASN B 141 24.67 27.81 -0.59
CA ASN B 141 25.81 27.26 0.15
C ASN B 141 25.38 26.43 1.35
N TYR B 142 24.22 26.74 1.94
CA TYR B 142 23.76 26.08 3.15
C TYR B 142 22.34 25.55 2.96
N VAL B 143 21.99 24.57 3.77
CA VAL B 143 20.66 23.97 3.76
C VAL B 143 20.18 23.82 5.21
N ALA B 144 18.89 24.05 5.43
CA ALA B 144 18.31 24.01 6.77
C ALA B 144 17.42 22.78 6.93
N CYS B 145 17.34 22.31 8.17
CA CYS B 145 16.50 21.17 8.51
C CYS B 145 16.04 21.30 9.95
N GLY B 146 14.93 20.65 10.27
CA GLY B 146 14.40 20.69 11.62
C GLY B 146 13.12 19.88 11.71
N GLY B 147 12.71 19.64 12.96
CA GLY B 147 11.51 18.85 13.19
C GLY B 147 11.18 18.66 14.65
N LEU B 148 10.83 17.42 15.02
CA LEU B 148 10.44 17.11 16.40
C LEU B 148 11.61 17.19 17.37
N ASP B 149 12.84 17.30 16.89
CA ASP B 149 14.00 17.39 17.77
C ASP B 149 14.19 18.78 18.35
N ASN B 150 13.38 19.76 17.93
CA ASN B 150 13.46 21.14 18.41
C ASN B 150 14.81 21.78 18.14
N ILE B 151 15.58 21.24 17.19
CA ILE B 151 16.90 21.74 16.85
C ILE B 151 16.95 22.01 15.36
N CYS B 152 17.36 23.22 14.99
CA CYS B 152 17.52 23.61 13.60
C CYS B 152 18.95 23.33 13.18
N SER B 153 19.12 22.43 12.21
CA SER B 153 20.44 22.03 11.74
C SER B 153 20.72 22.70 10.40
N ILE B 154 21.85 23.40 10.31
CA ILE B 154 22.30 24.04 9.08
C ILE B 154 23.53 23.29 8.61
N TYR B 155 23.46 22.79 7.38
CA TYR B 155 24.53 22.01 6.77
C TYR B 155 25.17 22.81 5.64
N ASN B 156 26.49 22.78 5.57
CA ASN B 156 27.25 23.46 4.53
C ASN B 156 27.35 22.53 3.33
N LEU B 157 26.74 22.93 2.21
CA LEU B 157 26.70 22.05 1.04
C LEU B 157 28.06 21.95 0.37
N LYS B 158 28.77 23.06 0.23
CA LYS B 158 30.04 23.12 -0.49
C LYS B 158 31.13 23.59 0.46
N THR B 159 31.93 22.65 0.95
CA THR B 159 33.07 22.93 1.79
C THR B 159 34.38 22.68 1.04
N ARG B 160 35.49 23.03 1.68
CA ARG B 160 36.80 22.76 1.09
C ARG B 160 37.04 21.27 0.97
N GLU B 161 36.63 20.48 1.97
CA GLU B 161 36.80 19.04 1.90
C GLU B 161 35.95 18.42 0.81
N GLY B 162 34.76 18.97 0.58
CA GLY B 162 33.86 18.46 -0.43
C GLY B 162 32.71 17.61 0.09
N ASN B 163 32.57 17.47 1.40
CA ASN B 163 31.48 16.72 2.01
C ASN B 163 30.57 17.65 2.79
N VAL B 164 29.28 17.32 2.80
CA VAL B 164 28.27 18.12 3.48
C VAL B 164 28.26 17.70 4.95
N ARG B 165 28.80 18.56 5.81
CA ARG B 165 28.85 18.30 7.24
C ARG B 165 27.82 19.16 7.97
N VAL B 166 27.72 18.95 9.28
CA VAL B 166 26.79 19.69 10.13
C VAL B 166 27.50 21.00 10.50
N SER B 167 27.13 22.08 9.81
CA SER B 167 27.77 23.36 10.04
C SER B 167 27.36 23.97 11.37
N ARG B 168 26.07 23.92 11.69
CA ARG B 168 25.59 24.57 12.92
C ARG B 168 24.34 23.87 13.42
N GLU B 169 24.16 23.89 14.73
CA GLU B 169 22.96 23.36 15.38
C GLU B 169 22.41 24.42 16.33
N LEU B 170 21.11 24.67 16.25
CA LEU B 170 20.44 25.67 17.06
C LEU B 170 19.41 24.97 17.94
N ALA B 171 19.56 25.12 19.26
CA ALA B 171 18.66 24.48 20.23
C ALA B 171 18.20 25.53 21.23
N GLY B 172 17.13 26.25 20.89
CA GLY B 172 16.55 27.23 21.79
C GLY B 172 15.05 27.09 21.94
N HIS B 173 14.41 26.45 20.97
CA HIS B 173 12.96 26.29 20.99
C HIS B 173 12.56 25.17 21.94
N THR B 174 11.44 25.38 22.62
CA THR B 174 10.86 24.38 23.50
C THR B 174 9.73 23.60 22.83
N GLY B 175 9.56 23.77 21.52
CA GLY B 175 8.56 23.04 20.77
C GLY B 175 9.13 22.56 19.45
N TYR B 176 8.39 21.65 18.81
CA TYR B 176 8.84 21.07 17.56
C TYR B 176 8.86 22.12 16.46
N LEU B 177 9.93 22.12 15.66
CA LEU B 177 10.06 23.06 14.56
C LEU B 177 9.07 22.70 13.45
N SER B 178 8.45 23.72 12.87
CA SER B 178 7.44 23.54 11.84
C SER B 178 7.82 24.13 10.49
N CYS B 179 8.48 25.29 10.48
CA CYS B 179 8.89 25.91 9.22
C CYS B 179 10.08 26.82 9.47
N CYS B 180 11.06 26.75 8.58
CA CYS B 180 12.25 27.60 8.65
C CYS B 180 12.56 28.13 7.26
N ARG B 181 13.06 29.37 7.20
CA ARG B 181 13.41 30.01 5.94
C ARG B 181 14.67 30.83 6.13
N PHE B 182 15.62 30.66 5.23
CA PHE B 182 16.85 31.46 5.28
C PHE B 182 16.60 32.88 4.82
N LEU B 183 17.25 33.84 5.49
CA LEU B 183 17.30 35.21 5.04
C LEU B 183 18.59 35.51 4.28
N ASP B 184 19.71 35.06 4.82
CA ASP B 184 21.01 35.14 4.16
C ASP B 184 21.84 33.97 4.66
N ASP B 185 23.16 34.02 4.41
CA ASP B 185 24.04 32.96 4.88
C ASP B 185 24.30 33.02 6.38
N ASN B 186 23.87 34.09 7.05
CA ASN B 186 24.19 34.27 8.45
C ASN B 186 22.97 34.38 9.37
N GLN B 187 21.77 34.58 8.82
CA GLN B 187 20.56 34.73 9.63
C GLN B 187 19.46 33.83 9.07
N ILE B 188 18.64 33.30 9.99
CA ILE B 188 17.54 32.41 9.59
C ILE B 188 16.38 32.61 10.56
N VAL B 189 15.17 32.60 10.04
CA VAL B 189 13.95 32.72 10.83
C VAL B 189 13.31 31.34 10.94
N THR B 190 13.02 30.91 12.17
CA THR B 190 12.45 29.60 12.43
C THR B 190 11.18 29.74 13.26
N SER B 191 10.27 28.81 13.09
CA SER B 191 9.03 28.74 13.87
C SER B 191 8.90 27.36 14.50
N SER B 192 8.44 27.32 15.74
CA SER B 192 8.29 26.07 16.47
C SER B 192 6.87 25.99 17.02
N GLY B 193 6.55 24.84 17.62
CA GLY B 193 5.25 24.61 18.21
C GLY B 193 5.05 25.19 19.59
N ASP B 194 6.06 25.87 20.13
CA ASP B 194 5.99 26.46 21.46
C ASP B 194 5.45 27.89 21.44
N THR B 195 4.64 28.23 20.43
CA THR B 195 4.05 29.56 20.29
C THR B 195 5.13 30.64 20.25
N THR B 196 6.24 30.35 19.57
CA THR B 196 7.37 31.26 19.54
C THR B 196 8.09 31.13 18.22
N CYS B 197 8.39 32.27 17.60
CA CYS B 197 9.25 32.36 16.43
C CYS B 197 10.57 32.99 16.84
N ALA B 198 11.65 32.61 16.14
CA ALA B 198 12.96 33.07 16.53
C ALA B 198 13.77 33.46 15.30
N LEU B 199 14.69 34.40 15.50
CA LEU B 199 15.67 34.79 14.49
C LEU B 199 17.04 34.39 15.01
N TRP B 200 17.75 33.58 14.23
CA TRP B 200 19.02 32.99 14.63
C TRP B 200 20.16 33.52 13.77
N ASP B 201 21.26 33.85 14.44
CA ASP B 201 22.52 34.17 13.79
C ASP B 201 23.35 32.90 13.71
N ILE B 202 23.76 32.52 12.49
CA ILE B 202 24.39 31.22 12.29
C ILE B 202 25.70 31.13 13.06
N GLU B 203 26.53 32.17 12.99
CA GLU B 203 27.84 32.12 13.62
C GLU B 203 27.72 32.05 15.14
N THR B 204 26.94 32.95 15.74
CA THR B 204 26.78 32.96 17.19
C THR B 204 25.96 31.77 17.67
N GLY B 205 24.88 31.45 16.96
CA GLY B 205 24.02 30.36 17.33
C GLY B 205 22.94 30.70 18.35
N GLN B 206 22.76 31.98 18.67
CA GLN B 206 21.77 32.42 19.64
C GLN B 206 20.62 33.12 18.94
N GLN B 207 19.54 33.32 19.68
CA GLN B 207 18.35 33.98 19.15
C GLN B 207 18.55 35.49 19.17
N THR B 208 18.61 36.10 17.99
CA THR B 208 18.73 37.56 17.93
C THR B 208 17.41 38.24 18.31
N THR B 209 16.29 37.74 17.79
CA THR B 209 14.99 38.31 18.07
C THR B 209 14.00 37.18 18.35
N THR B 210 13.07 37.44 19.27
CA THR B 210 12.05 36.48 19.66
C THR B 210 10.68 37.10 19.47
N PHE B 211 9.79 36.35 18.82
CA PHE B 211 8.43 36.78 18.53
C PHE B 211 7.47 35.85 19.25
N THR B 212 6.73 36.38 20.25
CA THR B 212 5.78 35.60 21.04
C THR B 212 4.45 36.34 21.05
N GLY B 213 3.63 36.09 20.04
CA GLY B 213 2.30 36.68 19.99
C GLY B 213 1.21 35.67 19.72
N HIS B 214 1.58 34.53 19.16
CA HIS B 214 0.61 33.51 18.81
C HIS B 214 0.15 32.77 20.06
N THR B 215 -0.96 32.05 19.92
CA THR B 215 -1.57 31.31 21.02
C THR B 215 -1.17 29.84 21.06
N GLY B 216 -1.12 29.17 19.92
CA GLY B 216 -0.76 27.77 19.91
C GLY B 216 -0.25 27.21 18.61
N ASP B 217 0.90 26.52 18.65
CA ASP B 217 1.38 25.68 17.57
C ASP B 217 1.54 26.46 16.26
N VAL B 218 2.51 27.38 16.27
CA VAL B 218 2.90 28.09 15.06
C VAL B 218 3.26 27.08 13.98
N MET B 219 2.58 27.15 12.84
CA MET B 219 2.68 26.12 11.81
C MET B 219 3.54 26.55 10.62
N SER B 220 3.28 27.71 10.03
CA SER B 220 3.96 28.09 8.80
C SER B 220 4.39 29.55 8.87
N LEU B 221 5.38 29.89 8.03
CA LEU B 221 5.82 31.27 7.89
C LEU B 221 6.23 31.50 6.45
N SER B 222 6.24 32.77 6.07
CA SER B 222 6.60 33.17 4.71
C SER B 222 7.29 34.53 4.75
N LEU B 223 8.47 34.60 4.16
CA LEU B 223 9.23 35.84 4.11
C LEU B 223 8.77 36.73 2.97
N ALA B 224 8.76 38.03 3.20
CA ALA B 224 8.43 38.99 2.17
C ALA B 224 9.58 39.10 1.17
N PRO B 225 9.28 39.53 -0.07
CA PRO B 225 10.37 39.67 -1.06
C PRO B 225 11.47 40.62 -0.62
N ASP B 226 11.14 41.69 0.10
CA ASP B 226 12.15 42.62 0.59
C ASP B 226 12.77 42.18 1.91
N THR B 227 12.30 41.07 2.49
CA THR B 227 12.87 40.44 3.68
C THR B 227 12.74 41.35 4.91
N ARG B 228 12.06 42.49 4.76
CA ARG B 228 11.87 43.38 5.89
C ARG B 228 10.92 42.77 6.92
N LEU B 229 9.83 42.16 6.46
CA LEU B 229 8.83 41.58 7.34
C LEU B 229 8.51 40.16 6.88
N PHE B 230 7.78 39.44 7.72
CA PHE B 230 7.34 38.09 7.36
C PHE B 230 6.00 37.79 8.02
N VAL B 231 5.23 36.92 7.38
CA VAL B 231 3.91 36.54 7.85
C VAL B 231 4.01 35.14 8.47
N SER B 232 3.17 34.88 9.47
CA SER B 232 3.18 33.61 10.19
C SER B 232 1.77 33.16 10.49
N GLY B 233 1.52 31.87 10.35
CA GLY B 233 0.23 31.27 10.66
C GLY B 233 0.39 30.14 11.65
N ALA B 234 -0.51 30.11 12.64
CA ALA B 234 -0.47 29.16 13.74
C ALA B 234 -1.81 28.42 13.81
N CYS B 235 -1.94 27.56 14.81
CA CYS B 235 -3.14 26.76 14.99
C CYS B 235 -4.26 27.51 15.70
N ASP B 236 -4.04 28.76 16.10
CA ASP B 236 -5.06 29.56 16.75
C ASP B 236 -6.01 30.24 15.76
N ALA B 237 -6.06 29.75 14.52
CA ALA B 237 -6.93 30.29 13.47
C ALA B 237 -6.68 31.77 13.23
N SER B 238 -5.41 32.19 13.29
CA SER B 238 -5.04 33.58 13.08
C SER B 238 -3.68 33.66 12.43
N ALA B 239 -3.42 34.79 11.77
CA ALA B 239 -2.15 35.07 11.13
C ALA B 239 -1.59 36.38 11.67
N LYS B 240 -0.26 36.49 11.71
CA LYS B 240 0.39 37.67 12.27
C LYS B 240 1.55 38.10 11.38
N LEU B 241 1.70 39.41 11.23
CA LEU B 241 2.80 39.99 10.46
C LEU B 241 3.84 40.55 11.43
N TRP B 242 5.09 40.14 11.25
CA TRP B 242 6.18 40.49 12.14
C TRP B 242 7.27 41.22 11.38
N ASP B 243 7.92 42.15 12.07
CA ASP B 243 9.07 42.88 11.53
C ASP B 243 10.34 42.19 12.02
N VAL B 244 11.23 41.87 11.08
CA VAL B 244 12.45 41.16 11.42
C VAL B 244 13.34 41.99 12.33
N ARG B 245 13.48 43.28 12.02
CA ARG B 245 14.41 44.14 12.75
C ARG B 245 13.82 44.60 14.08
N GLU B 246 12.66 45.25 14.04
CA GLU B 246 12.06 45.76 15.28
C GLU B 246 11.63 44.62 16.20
N GLY B 247 10.89 43.65 15.66
CA GLY B 247 10.54 42.46 16.39
C GLY B 247 9.21 42.45 17.12
N MET B 248 8.17 43.03 16.54
CA MET B 248 6.84 43.00 17.14
C MET B 248 5.80 42.74 16.06
N CYS B 249 4.64 42.26 16.49
CA CYS B 249 3.56 41.92 15.58
C CYS B 249 2.93 43.20 15.02
N ARG B 250 3.14 43.45 13.73
CA ARG B 250 2.58 44.65 13.11
C ARG B 250 1.07 44.56 12.99
N GLN B 251 0.56 43.44 12.47
CA GLN B 251 -0.87 43.28 12.26
C GLN B 251 -1.27 41.84 12.56
N THR B 252 -2.54 41.67 12.92
CA THR B 252 -3.12 40.36 13.22
C THR B 252 -4.42 40.21 12.47
N PHE B 253 -4.61 39.05 11.85
CA PHE B 253 -5.79 38.75 11.02
C PHE B 253 -6.45 37.49 11.54
N THR B 254 -7.76 37.57 11.78
CA THR B 254 -8.53 36.43 12.28
C THR B 254 -9.74 36.26 11.37
N GLY B 255 -9.64 35.32 10.43
CA GLY B 255 -10.74 35.07 9.51
C GLY B 255 -11.02 33.61 9.27
N HIS B 256 -10.22 32.73 9.85
CA HIS B 256 -10.37 31.29 9.65
C HIS B 256 -11.22 30.68 10.77
N GLU B 257 -11.56 29.40 10.59
CA GLU B 257 -12.39 28.68 11.52
C GLU B 257 -11.69 27.50 12.19
N SER B 258 -10.56 27.04 11.67
CA SER B 258 -9.85 25.90 12.21
C SER B 258 -8.35 26.19 12.16
N ASP B 259 -7.56 25.15 12.37
CA ASP B 259 -6.11 25.31 12.41
C ASP B 259 -5.56 25.75 11.05
N ILE B 260 -4.67 26.73 11.09
CA ILE B 260 -3.98 27.23 9.91
C ILE B 260 -2.71 26.41 9.72
N ASN B 261 -2.54 25.82 8.54
CA ASN B 261 -1.37 24.98 8.29
C ASN B 261 -0.70 25.26 6.94
N ALA B 262 -1.02 26.38 6.29
CA ALA B 262 -0.43 26.69 5.00
C ALA B 262 -0.50 28.19 4.79
N ILE B 263 0.66 28.82 4.59
CA ILE B 263 0.73 30.26 4.36
C ILE B 263 1.84 30.52 3.35
N CYS B 264 1.65 31.54 2.53
CA CYS B 264 2.60 31.90 1.49
C CYS B 264 2.42 33.37 1.14
N PHE B 265 3.52 34.04 0.81
CA PHE B 265 3.50 35.47 0.51
C PHE B 265 3.26 35.69 -0.98
N PHE B 266 2.40 36.65 -1.29
CA PHE B 266 2.14 37.01 -2.67
C PHE B 266 3.39 37.65 -3.27
N PRO B 267 3.66 37.43 -4.56
CA PRO B 267 4.86 38.02 -5.17
C PRO B 267 4.90 39.54 -5.10
N ASN B 268 3.74 40.20 -5.11
CA ASN B 268 3.72 41.66 -5.01
C ASN B 268 4.24 42.13 -3.66
N GLY B 269 4.09 41.31 -2.62
CA GLY B 269 4.54 41.67 -1.29
C GLY B 269 3.52 42.42 -0.45
N ASN B 270 2.36 42.75 -1.00
CA ASN B 270 1.32 43.47 -0.27
C ASN B 270 0.14 42.58 0.08
N ALA B 271 0.28 41.27 -0.05
CA ALA B 271 -0.80 40.34 0.25
C ALA B 271 -0.22 38.96 0.50
N PHE B 272 -1.08 38.06 0.96
CA PHE B 272 -0.69 36.67 1.17
C PHE B 272 -1.93 35.80 1.24
N ALA B 273 -1.71 34.48 1.21
CA ALA B 273 -2.78 33.51 1.28
C ALA B 273 -2.57 32.56 2.46
N THR B 274 -3.66 32.08 3.02
CA THR B 274 -3.63 31.24 4.21
C THR B 274 -4.58 30.07 4.07
N GLY B 275 -4.10 28.87 4.35
CA GLY B 275 -4.91 27.68 4.24
C GLY B 275 -5.18 26.99 5.57
N SER B 276 -6.41 26.51 5.76
CA SER B 276 -6.79 25.94 7.04
C SER B 276 -7.29 24.51 6.86
N ASP B 277 -7.58 23.85 7.98
CA ASP B 277 -8.13 22.49 7.97
C ASP B 277 -9.62 22.46 7.66
N ASP B 278 -10.28 23.61 7.60
CA ASP B 278 -11.69 23.69 7.25
C ASP B 278 -11.92 23.70 5.75
N ALA B 279 -10.96 23.19 4.97
CA ALA B 279 -11.07 23.13 3.51
C ALA B 279 -11.26 24.53 2.92
N THR B 280 -10.47 25.49 3.39
CA THR B 280 -10.65 26.87 2.97
C THR B 280 -9.31 27.59 2.93
N CYS B 281 -9.12 28.38 1.87
CA CYS B 281 -8.04 29.35 1.78
C CYS B 281 -8.62 30.74 1.83
N ARG B 282 -7.87 31.67 2.40
CA ARG B 282 -8.26 33.07 2.48
C ARG B 282 -7.13 33.94 1.94
N LEU B 283 -7.51 35.04 1.29
CA LEU B 283 -6.55 36.02 0.79
C LEU B 283 -6.60 37.24 1.69
N PHE B 284 -5.47 37.55 2.32
CA PHE B 284 -5.36 38.69 3.22
C PHE B 284 -4.43 39.73 2.62
N ASP B 285 -4.70 40.99 2.93
CA ASP B 285 -3.90 42.12 2.48
C ASP B 285 -3.42 42.91 3.68
N LEU B 286 -2.14 43.30 3.65
CA LEU B 286 -1.56 44.06 4.76
C LEU B 286 -2.04 45.50 4.79
N ARG B 287 -2.56 46.01 3.67
CA ARG B 287 -3.03 47.39 3.59
C ARG B 287 -4.51 47.54 3.91
N ALA B 288 -5.27 46.44 3.95
CA ALA B 288 -6.68 46.47 4.29
C ALA B 288 -7.00 45.85 5.64
N ASP B 289 -6.12 45.01 6.17
CA ASP B 289 -6.31 44.37 7.47
C ASP B 289 -7.59 43.54 7.51
N GLN B 290 -7.94 42.92 6.40
CA GLN B 290 -9.09 42.04 6.33
C GLN B 290 -8.94 41.13 5.12
N GLU B 291 -9.69 40.03 5.14
CA GLU B 291 -9.59 39.03 4.08
C GLU B 291 -10.18 39.57 2.79
N LEU B 292 -9.44 39.41 1.69
CA LEU B 292 -9.92 39.91 0.41
C LEU B 292 -10.95 38.96 -0.21
N MET B 293 -10.66 37.66 -0.20
CA MET B 293 -11.57 36.70 -0.81
C MET B 293 -11.33 35.33 -0.21
N THR B 294 -12.27 34.42 -0.48
CA THR B 294 -12.28 33.08 0.09
C THR B 294 -12.32 32.04 -1.03
N TYR B 295 -11.44 31.05 -0.93
CA TYR B 295 -11.37 29.93 -1.87
C TYR B 295 -11.85 28.68 -1.13
N SER B 296 -13.01 28.18 -1.53
CA SER B 296 -13.59 26.97 -0.95
C SER B 296 -14.61 26.40 -1.93
N HIS B 297 -14.99 25.15 -1.70
CA HIS B 297 -15.97 24.48 -2.54
C HIS B 297 -16.72 23.46 -1.71
N ASP B 298 -17.92 23.12 -2.18
CA ASP B 298 -18.75 22.15 -1.47
C ASP B 298 -18.13 20.76 -1.48
N ASN B 299 -17.55 20.36 -2.61
CA ASN B 299 -17.01 19.00 -2.74
C ASN B 299 -15.84 18.78 -1.79
N ILE B 300 -14.95 19.77 -1.68
CA ILE B 300 -13.76 19.60 -0.85
C ILE B 300 -14.14 19.75 0.62
N ILE B 301 -13.76 18.75 1.43
CA ILE B 301 -13.98 18.80 2.87
C ILE B 301 -12.72 18.48 3.67
N CYS B 302 -11.62 18.17 3.00
CA CYS B 302 -10.37 17.85 3.68
C CYS B 302 -9.51 19.11 3.80
N GLY B 303 -8.45 19.03 4.61
CA GLY B 303 -7.63 20.18 4.90
C GLY B 303 -6.69 20.55 3.76
N ILE B 304 -5.88 21.57 4.03
CA ILE B 304 -4.89 22.07 3.08
C ILE B 304 -3.54 22.13 3.78
N THR B 305 -2.56 21.42 3.24
CA THR B 305 -1.25 21.32 3.86
C THR B 305 -0.26 22.37 3.37
N SER B 306 -0.29 22.71 2.07
CA SER B 306 0.66 23.66 1.53
C SER B 306 -0.06 24.58 0.55
N VAL B 307 0.45 25.80 0.43
CA VAL B 307 -0.08 26.80 -0.50
C VAL B 307 1.10 27.52 -1.14
N SER B 308 0.98 27.83 -2.43
CA SER B 308 2.04 28.51 -3.15
C SER B 308 1.44 29.38 -4.24
N PHE B 309 2.22 30.36 -4.69
CA PHE B 309 1.81 31.27 -5.74
C PHE B 309 2.68 31.06 -6.99
N SER B 310 2.15 31.47 -8.14
CA SER B 310 2.89 31.46 -9.37
C SER B 310 3.76 32.72 -9.46
N LYS B 311 4.43 32.89 -10.60
CA LYS B 311 5.29 34.05 -10.78
C LYS B 311 4.48 35.35 -10.77
N SER B 312 3.34 35.36 -11.47
CA SER B 312 2.50 36.55 -11.53
C SER B 312 1.47 36.62 -10.41
N GLY B 313 1.32 35.55 -9.64
CA GLY B 313 0.30 35.53 -8.60
C GLY B 313 -1.10 35.25 -9.11
N ARG B 314 -1.26 35.00 -10.41
CA ARG B 314 -2.58 34.67 -10.95
C ARG B 314 -3.07 33.30 -10.49
N LEU B 315 -2.18 32.32 -10.39
CA LEU B 315 -2.55 30.96 -10.00
C LEU B 315 -2.07 30.68 -8.59
N LEU B 316 -2.97 30.17 -7.76
CA LEU B 316 -2.69 29.80 -6.38
C LEU B 316 -2.79 28.29 -6.28
N LEU B 317 -1.72 27.63 -5.87
CA LEU B 317 -1.67 26.19 -5.81
C LEU B 317 -1.79 25.74 -4.35
N ALA B 318 -2.76 24.87 -4.08
CA ALA B 318 -3.05 24.39 -2.74
C ALA B 318 -3.04 22.87 -2.72
N GLY B 319 -2.27 22.29 -1.81
CA GLY B 319 -2.21 20.86 -1.67
C GLY B 319 -3.19 20.33 -0.64
N TYR B 320 -4.33 19.84 -1.10
CA TYR B 320 -5.32 19.25 -0.21
C TYR B 320 -4.92 17.81 0.15
N ASP B 321 -5.26 17.41 1.37
CA ASP B 321 -4.94 16.06 1.83
C ASP B 321 -6.03 15.06 1.43
N ASP B 322 -6.37 15.06 0.14
CA ASP B 322 -7.35 14.15 -0.43
C ASP B 322 -6.76 13.47 -1.67
N PHE B 323 -5.46 13.15 -1.61
CA PHE B 323 -4.73 12.47 -2.67
C PHE B 323 -4.64 13.30 -3.95
N ASN B 324 -4.89 14.60 -3.87
CA ASN B 324 -4.90 15.46 -5.04
C ASN B 324 -4.41 16.84 -4.65
N CYS B 325 -4.33 17.72 -5.66
CA CYS B 325 -3.94 19.12 -5.46
C CYS B 325 -4.80 19.98 -6.37
N ASN B 326 -4.98 21.25 -5.98
CA ASN B 326 -5.85 22.15 -6.73
C ASN B 326 -5.10 23.43 -7.08
N VAL B 327 -5.52 24.06 -8.17
CA VAL B 327 -5.00 25.35 -8.60
C VAL B 327 -6.18 26.27 -8.86
N TRP B 328 -6.26 27.36 -8.10
CA TRP B 328 -7.31 28.36 -8.20
C TRP B 328 -6.74 29.63 -8.78
N ASP B 329 -7.62 30.61 -8.99
CA ASP B 329 -7.22 31.96 -9.37
C ASP B 329 -7.58 32.92 -8.25
N ALA B 330 -6.70 33.89 -7.99
CA ALA B 330 -6.83 34.78 -6.84
C ALA B 330 -7.64 36.03 -7.12
N LEU B 331 -8.56 35.98 -8.10
CA LEU B 331 -9.38 37.14 -8.44
C LEU B 331 -10.87 36.88 -8.47
N LYS B 332 -11.32 35.64 -8.73
CA LYS B 332 -12.74 35.33 -8.71
C LYS B 332 -13.09 34.06 -7.94
N ALA B 333 -12.10 33.33 -7.43
CA ALA B 333 -12.33 32.19 -6.53
C ALA B 333 -13.21 31.10 -7.17
N ASP B 334 -12.69 30.50 -8.24
CA ASP B 334 -13.31 29.35 -8.87
C ASP B 334 -12.23 28.37 -9.31
N ARG B 335 -12.61 27.11 -9.46
CA ARG B 335 -11.66 26.07 -9.82
C ARG B 335 -11.04 26.34 -11.19
N ALA B 336 -9.72 26.15 -11.29
CA ALA B 336 -9.00 26.36 -12.53
C ALA B 336 -8.19 25.14 -12.98
N GLY B 337 -7.67 24.34 -12.06
CA GLY B 337 -6.93 23.15 -12.46
C GLY B 337 -6.85 22.17 -11.32
N VAL B 338 -6.69 20.90 -11.70
CA VAL B 338 -6.59 19.80 -10.75
C VAL B 338 -5.36 18.96 -11.08
N LEU B 339 -4.54 18.70 -10.06
CA LEU B 339 -3.39 17.82 -10.19
C LEU B 339 -3.68 16.52 -9.46
N ALA B 340 -3.42 15.39 -10.11
CA ALA B 340 -3.75 14.09 -9.59
C ALA B 340 -2.55 13.16 -9.80
N GLY B 341 -2.77 11.87 -9.57
CA GLY B 341 -1.71 10.90 -9.70
C GLY B 341 -0.72 10.86 -8.55
N HIS B 342 -1.01 11.56 -7.46
CA HIS B 342 -0.13 11.60 -6.30
C HIS B 342 -0.80 10.81 -5.18
N ASP B 343 -0.23 9.65 -4.87
CA ASP B 343 -0.78 8.82 -3.80
C ASP B 343 -0.57 9.49 -2.45
N ASN B 344 -1.50 9.21 -1.52
CA ASN B 344 -1.47 9.73 -0.15
C ASN B 344 -1.61 11.24 -0.13
N ARG B 345 -1.79 11.81 1.07
CA ARG B 345 -1.97 13.24 1.21
C ARG B 345 -0.75 14.00 0.72
N VAL B 346 -1.00 15.11 0.05
CA VAL B 346 0.07 15.98 -0.43
C VAL B 346 0.55 16.86 0.71
N SER B 347 1.86 16.86 0.94
CA SER B 347 2.46 17.56 2.08
C SER B 347 3.12 18.88 1.71
N CYS B 348 3.91 18.92 0.64
CA CYS B 348 4.67 20.11 0.30
C CYS B 348 4.39 20.53 -1.14
N LEU B 349 4.27 21.84 -1.36
CA LEU B 349 4.05 22.41 -2.67
C LEU B 349 5.00 23.58 -2.87
N GLY B 350 5.51 23.75 -4.09
CA GLY B 350 6.34 24.92 -4.33
C GLY B 350 6.66 25.21 -5.78
N VAL B 351 6.47 26.45 -6.18
CA VAL B 351 6.81 26.91 -7.52
C VAL B 351 8.24 27.48 -7.49
N THR B 352 8.95 27.33 -8.61
CA THR B 352 10.31 27.83 -8.69
C THR B 352 10.32 29.36 -8.56
N ASP B 353 11.45 29.89 -8.06
CA ASP B 353 11.57 31.32 -7.85
C ASP B 353 11.45 32.11 -9.14
N ASP B 354 11.77 31.51 -10.29
CA ASP B 354 11.64 32.15 -11.58
C ASP B 354 10.44 31.66 -12.37
N GLY B 355 9.64 30.75 -11.80
CA GLY B 355 8.42 30.30 -12.45
C GLY B 355 8.56 29.16 -13.43
N MET B 356 9.66 28.42 -13.39
CA MET B 356 9.86 27.32 -14.34
C MET B 356 8.78 26.26 -14.20
N ALA B 357 8.71 25.62 -13.03
CA ALA B 357 7.76 24.53 -12.81
C ALA B 357 7.32 24.55 -11.36
N VAL B 358 6.49 23.58 -10.99
CA VAL B 358 6.00 23.43 -9.63
C VAL B 358 6.27 22.00 -9.15
N ALA B 359 6.88 21.87 -7.98
CA ALA B 359 7.19 20.57 -7.39
C ALA B 359 6.22 20.28 -6.27
N THR B 360 5.66 19.07 -6.26
CA THR B 360 4.72 18.61 -5.26
C THR B 360 5.23 17.32 -4.64
N GLY B 361 5.24 17.28 -3.31
CA GLY B 361 5.63 16.08 -2.58
C GLY B 361 4.52 15.65 -1.65
N SER B 362 4.25 14.34 -1.65
CA SER B 362 3.18 13.75 -0.87
C SER B 362 3.77 12.71 0.08
N TRP B 363 2.89 12.06 0.85
CA TRP B 363 3.32 11.04 1.80
C TRP B 363 3.60 9.69 1.13
N ASP B 364 3.60 9.63 -0.20
CA ASP B 364 3.92 8.42 -0.93
C ASP B 364 5.39 8.30 -1.28
N SER B 365 6.23 9.18 -0.71
CA SER B 365 7.68 9.20 -0.98
C SER B 365 7.99 9.47 -2.44
N PHE B 366 7.19 10.30 -3.10
CA PHE B 366 7.40 10.68 -4.48
C PHE B 366 7.32 12.19 -4.63
N LEU B 367 8.19 12.73 -5.50
CA LEU B 367 8.17 14.13 -5.87
C LEU B 367 7.80 14.24 -7.34
N LYS B 368 6.80 15.06 -7.65
CA LYS B 368 6.33 15.23 -9.01
C LYS B 368 6.50 16.68 -9.45
N ILE B 369 7.05 16.86 -10.64
CA ILE B 369 7.30 18.18 -11.21
C ILE B 369 6.29 18.41 -12.33
N TRP B 370 5.62 19.56 -12.29
CA TRP B 370 4.56 19.89 -13.23
C TRP B 370 4.91 21.20 -13.92
N ASN B 371 4.69 21.25 -15.23
CA ASN B 371 4.96 22.44 -16.03
C ASN B 371 3.84 22.66 -17.03
N ASN C 5 -1.77 35.06 40.00
CA ASN C 5 -2.67 36.09 39.50
C ASN C 5 -1.90 37.19 38.77
N THR C 6 -0.63 37.38 39.18
CA THR C 6 0.20 38.39 38.56
C THR C 6 0.46 38.06 37.09
N ALA C 7 0.67 36.78 36.78
CA ALA C 7 0.92 36.38 35.40
C ALA C 7 -0.30 36.68 34.52
N SER C 8 -1.50 36.41 35.03
CA SER C 8 -2.71 36.71 34.27
C SER C 8 -2.85 38.21 34.02
N ILE C 9 -2.55 39.02 35.03
CA ILE C 9 -2.63 40.48 34.87
C ILE C 9 -1.61 40.95 33.83
N ALA C 10 -0.39 40.41 33.88
CA ALA C 10 0.62 40.79 32.91
C ALA C 10 0.22 40.38 31.50
N GLN C 11 -0.35 39.19 31.34
CA GLN C 11 -0.80 38.75 30.03
C GLN C 11 -1.93 39.62 29.51
N ALA C 12 -2.87 39.99 30.38
CA ALA C 12 -3.95 40.89 29.97
C ALA C 12 -3.41 42.25 29.55
N ARG C 13 -2.45 42.77 30.31
CA ARG C 13 -1.87 44.07 29.96
C ARG C 13 -1.12 44.03 28.64
N LYS C 14 -0.36 42.96 28.39
CA LYS C 14 0.37 42.87 27.13
C LYS C 14 -0.58 42.68 25.96
N LEU C 15 -1.66 41.92 26.16
CA LEU C 15 -2.67 41.81 25.11
C LEU C 15 -3.32 43.15 24.84
N VAL C 16 -3.62 43.92 25.89
CA VAL C 16 -4.23 45.24 25.73
C VAL C 16 -3.30 46.17 24.95
N GLU C 17 -2.02 46.18 25.31
CA GLU C 17 -1.08 47.08 24.63
C GLU C 17 -0.87 46.65 23.18
N GLN C 18 -0.81 45.35 22.92
CA GLN C 18 -0.69 44.88 21.53
C GLN C 18 -1.92 45.26 20.72
N LEU C 19 -3.12 45.10 21.30
CA LEU C 19 -4.34 45.45 20.58
C LEU C 19 -4.41 46.94 20.30
N LYS C 20 -4.04 47.77 21.27
CA LYS C 20 -4.08 49.21 21.05
C LYS C 20 -3.00 49.66 20.08
N MET C 21 -1.88 48.93 20.01
CA MET C 21 -0.87 49.23 18.99
C MET C 21 -1.37 48.86 17.60
N GLU C 22 -2.04 47.71 17.49
CA GLU C 22 -2.56 47.28 16.18
C GLU C 22 -3.76 48.10 15.73
N ALA C 23 -4.49 48.71 16.65
CA ALA C 23 -5.66 49.50 16.31
C ALA C 23 -5.32 50.91 15.84
N ASN C 24 -4.05 51.30 15.89
CA ASN C 24 -3.63 52.65 15.49
C ASN C 24 -2.84 52.63 14.19
N ILE C 25 -3.11 51.67 13.31
CA ILE C 25 -2.43 51.54 12.03
C ILE C 25 -3.38 51.97 10.92
N ASP C 26 -2.92 52.87 10.06
CA ASP C 26 -3.73 53.33 8.94
C ASP C 26 -3.97 52.20 7.95
N ARG C 27 -5.21 52.10 7.46
CA ARG C 27 -5.59 51.06 6.51
C ARG C 27 -6.39 51.68 5.38
N ILE C 28 -6.01 51.35 4.15
CA ILE C 28 -6.69 51.86 2.96
C ILE C 28 -7.94 51.02 2.69
N LYS C 29 -8.80 51.51 1.80
CA LYS C 29 -10.01 50.79 1.46
C LYS C 29 -9.69 49.54 0.65
N VAL C 30 -10.63 48.60 0.67
CA VAL C 30 -10.45 47.31 0.00
C VAL C 30 -10.37 47.49 -1.52
N SER C 31 -11.08 48.49 -2.05
CA SER C 31 -11.11 48.69 -3.50
C SER C 31 -9.72 49.02 -4.04
N LYS C 32 -8.98 49.88 -3.34
CA LYS C 32 -7.64 50.24 -3.80
C LYS C 32 -6.71 49.03 -3.79
N ALA C 33 -6.76 48.23 -2.73
CA ALA C 33 -5.93 47.03 -2.66
C ALA C 33 -6.29 46.04 -3.76
N ALA C 34 -7.59 45.87 -4.02
CA ALA C 34 -8.02 44.98 -5.09
C ALA C 34 -7.54 45.48 -6.45
N ALA C 35 -7.62 46.79 -6.69
CA ALA C 35 -7.13 47.34 -7.95
C ALA C 35 -5.63 47.14 -8.08
N ASP C 36 -4.87 47.34 -7.00
CA ASP C 36 -3.43 47.10 -7.05
C ASP C 36 -3.12 45.65 -7.34
N LEU C 37 -3.85 44.73 -6.71
CA LEU C 37 -3.64 43.31 -6.95
C LEU C 37 -3.94 42.94 -8.40
N MET C 38 -5.04 43.48 -8.94
CA MET C 38 -5.38 43.21 -10.34
C MET C 38 -4.32 43.77 -11.29
N ALA C 39 -3.82 44.98 -10.99
CA ALA C 39 -2.78 45.57 -11.83
C ALA C 39 -1.51 44.73 -11.79
N TYR C 40 -1.13 44.26 -10.60
CA TYR C 40 0.07 43.43 -10.49
C TYR C 40 -0.11 42.11 -11.25
N CYS C 41 -1.29 41.50 -11.14
CA CYS C 41 -1.53 40.25 -11.86
C CYS C 41 -1.50 40.44 -13.37
N GLU C 42 -2.09 41.55 -13.85
CA GLU C 42 -2.13 41.79 -15.28
C GLU C 42 -0.76 42.17 -15.83
N ALA C 43 0.03 42.90 -15.05
CA ALA C 43 1.32 43.37 -15.55
C ALA C 43 2.29 42.22 -15.82
N HIS C 44 2.29 41.20 -14.95
CA HIS C 44 3.24 40.11 -15.04
C HIS C 44 2.63 38.85 -15.63
N ALA C 45 1.49 38.97 -16.31
CA ALA C 45 0.82 37.79 -16.86
C ALA C 45 1.68 37.11 -17.92
N LYS C 46 2.36 37.88 -18.76
CA LYS C 46 3.18 37.31 -19.81
C LYS C 46 4.36 36.51 -19.25
N GLU C 47 4.85 36.90 -18.07
CA GLU C 47 6.01 36.24 -17.46
C GLU C 47 5.63 35.11 -16.51
N ASP C 48 4.48 34.47 -16.74
CA ASP C 48 4.03 33.37 -15.90
C ASP C 48 3.96 32.10 -16.75
N PRO C 49 5.00 31.26 -16.74
CA PRO C 49 4.95 30.02 -17.55
C PRO C 49 3.81 29.10 -17.17
N LEU C 50 3.43 29.05 -15.89
CA LEU C 50 2.30 28.22 -15.49
C LEU C 50 0.99 28.75 -16.08
N LEU C 51 0.78 30.06 -16.02
CA LEU C 51 -0.42 30.65 -16.60
C LEU C 51 -0.40 30.58 -18.11
N THR C 52 0.71 30.99 -18.72
CA THR C 52 0.87 30.93 -20.18
C THR C 52 1.96 29.91 -20.50
N PRO C 53 1.62 28.78 -21.12
CA PRO C 53 2.62 27.73 -21.30
C PRO C 53 3.67 28.13 -22.33
N VAL C 54 4.94 27.87 -21.97
CA VAL C 54 6.07 28.19 -22.83
C VAL C 54 6.16 27.18 -23.96
N PRO C 55 6.79 27.50 -25.08
CA PRO C 55 6.91 26.52 -26.17
C PRO C 55 7.73 25.31 -25.75
N ALA C 56 7.47 24.19 -26.44
CA ALA C 56 8.14 22.93 -26.13
C ALA C 56 9.64 22.98 -26.36
N SER C 57 10.14 23.96 -27.11
CA SER C 57 11.57 24.13 -27.32
C SER C 57 12.23 25.03 -26.28
N GLU C 58 11.46 25.57 -25.33
CA GLU C 58 11.99 26.46 -24.32
C GLU C 58 11.93 25.90 -22.90
N ASN C 59 10.97 25.05 -22.60
CA ASN C 59 10.86 24.50 -21.26
C ASN C 59 11.99 23.49 -21.02
N PRO C 60 12.76 23.64 -19.94
CA PRO C 60 13.86 22.72 -19.67
C PRO C 60 13.44 21.39 -19.07
N PHE C 61 12.14 21.11 -18.97
CA PHE C 61 11.67 19.88 -18.36
C PHE C 61 11.12 18.87 -19.35
N ARG C 62 10.87 19.26 -20.60
CA ARG C 62 10.41 18.34 -21.63
C ARG C 62 11.42 18.16 -22.75
N GLU C 63 11.88 19.25 -23.36
CA GLU C 63 12.87 19.16 -24.43
C GLU C 63 13.93 20.26 -24.28
N GLN D 3 -13.14 35.16 13.44
CA GLN D 3 -12.82 34.98 14.85
C GLN D 3 -13.74 33.94 15.49
N VAL D 4 -13.20 33.17 16.43
CA VAL D 4 -13.93 32.12 17.12
C VAL D 4 -14.50 32.70 18.40
N GLN D 5 -15.82 32.66 18.54
CA GLN D 5 -16.51 33.14 19.72
C GLN D 5 -17.34 32.02 20.33
N LEU D 6 -17.13 31.76 21.62
CA LEU D 6 -17.89 30.77 22.38
C LEU D 6 -18.25 31.38 23.73
N GLN D 7 -19.53 31.72 23.91
CA GLN D 7 -19.98 32.41 25.11
C GLN D 7 -20.88 31.49 25.93
N GLU D 8 -20.59 31.38 27.21
CA GLU D 8 -21.35 30.55 28.14
C GLU D 8 -22.29 31.41 28.98
N SER D 9 -23.42 30.84 29.36
CA SER D 9 -24.36 31.54 30.21
C SER D 9 -25.19 30.54 30.99
N GLY D 10 -25.46 30.83 32.26
CA GLY D 10 -26.30 29.98 33.07
C GLY D 10 -25.73 29.60 34.42
N GLY D 11 -24.66 30.28 34.83
CA GLY D 11 -24.03 29.99 36.11
C GLY D 11 -24.78 30.61 37.28
N GLY D 12 -24.18 30.48 38.45
CA GLY D 12 -24.74 31.01 39.68
C GLY D 12 -24.83 29.96 40.77
N LEU D 13 -25.05 30.45 41.98
CA LEU D 13 -25.16 29.58 43.15
C LEU D 13 -26.47 28.81 43.14
N VAL D 14 -26.38 27.52 43.45
CA VAL D 14 -27.54 26.63 43.47
C VAL D 14 -27.39 25.68 44.65
N GLN D 15 -28.49 25.48 45.38
CA GLN D 15 -28.47 24.55 46.49
C GLN D 15 -28.29 23.12 45.99
N PRO D 16 -27.73 22.23 46.81
CA PRO D 16 -27.52 20.84 46.38
C PRO D 16 -28.83 20.18 45.96
N GLY D 17 -28.75 19.38 44.90
CA GLY D 17 -29.93 18.74 44.35
C GLY D 17 -30.72 19.57 43.37
N GLY D 18 -30.22 20.74 42.99
CA GLY D 18 -30.94 21.62 42.09
C GLY D 18 -30.70 21.28 40.63
N SER D 19 -31.24 22.14 39.77
CA SER D 19 -31.14 21.97 38.32
C SER D 19 -30.68 23.28 37.70
N LEU D 20 -29.93 23.17 36.60
CA LEU D 20 -29.41 24.34 35.91
C LEU D 20 -29.45 24.12 34.41
N ARG D 21 -29.43 25.23 33.67
CA ARG D 21 -29.41 25.22 32.21
C ARG D 21 -28.23 26.06 31.75
N LEU D 22 -27.22 25.41 31.17
CA LEU D 22 -26.05 26.09 30.65
C LEU D 22 -26.15 26.15 29.12
N SER D 23 -26.08 27.36 28.59
CA SER D 23 -26.20 27.60 27.15
C SER D 23 -24.90 28.16 26.62
N CYS D 24 -24.40 27.57 25.54
CA CYS D 24 -23.20 28.02 24.85
C CYS D 24 -23.59 28.52 23.47
N ALA D 25 -23.25 29.77 23.18
CA ALA D 25 -23.50 30.39 21.89
C ALA D 25 -22.20 30.44 21.10
N ALA D 26 -22.25 29.98 19.85
CA ALA D 26 -21.09 29.87 18.99
C ALA D 26 -21.22 30.84 17.83
N SER D 27 -20.15 31.55 17.52
CA SER D 27 -20.14 32.51 16.42
C SER D 27 -18.79 32.48 15.72
N GLY D 28 -18.81 32.49 14.39
CA GLY D 28 -17.59 32.55 13.60
C GLY D 28 -17.30 31.30 12.81
N PHE D 29 -18.19 30.31 12.88
CA PHE D 29 -17.98 29.04 12.20
C PHE D 29 -19.32 28.34 12.05
N THR D 30 -19.33 27.31 11.21
CA THR D 30 -20.52 26.49 11.01
C THR D 30 -20.64 25.53 12.18
N PHE D 31 -21.70 25.68 12.97
CA PHE D 31 -21.87 24.87 14.17
C PHE D 31 -22.09 23.40 13.83
N SER D 32 -22.85 23.13 12.76
CA SER D 32 -23.23 21.76 12.43
C SER D 32 -22.05 20.90 11.99
N ASN D 33 -20.94 21.50 11.59
CA ASN D 33 -19.82 20.74 11.05
C ASN D 33 -18.82 20.30 12.11
N TYR D 34 -18.99 20.69 13.37
CA TYR D 34 -18.01 20.40 14.41
C TYR D 34 -18.66 19.65 15.57
N LYS D 35 -17.96 18.63 16.05
CA LYS D 35 -18.37 17.92 17.26
C LYS D 35 -18.11 18.78 18.48
N MET D 36 -19.04 18.74 19.45
CA MET D 36 -18.97 19.60 20.61
C MET D 36 -18.79 18.76 21.88
N ASN D 37 -18.22 19.39 22.91
CA ASN D 37 -18.04 18.73 24.19
C ASN D 37 -17.86 19.76 25.28
N TRP D 38 -18.04 19.30 26.52
CA TRP D 38 -17.92 20.13 27.72
C TRP D 38 -16.67 19.75 28.49
N VAL D 39 -16.03 20.74 29.11
CA VAL D 39 -14.85 20.55 29.92
C VAL D 39 -15.10 21.18 31.29
N ARG D 40 -14.58 20.54 32.33
CA ARG D 40 -14.79 20.98 33.70
C ARG D 40 -13.45 21.21 34.37
N GLN D 41 -13.33 22.35 35.07
CA GLN D 41 -12.12 22.72 35.80
C GLN D 41 -12.53 23.00 37.25
N ALA D 42 -12.21 22.06 38.14
CA ALA D 42 -12.47 22.26 39.55
C ALA D 42 -11.36 23.11 40.17
N PRO D 43 -11.66 23.84 41.25
CA PRO D 43 -10.61 24.61 41.92
C PRO D 43 -9.50 23.70 42.43
N GLY D 44 -8.26 24.13 42.24
CA GLY D 44 -7.12 23.30 42.60
C GLY D 44 -7.02 22.02 41.81
N LYS D 45 -7.64 21.96 40.63
CA LYS D 45 -7.65 20.77 39.80
C LYS D 45 -7.43 21.18 38.35
N GLY D 46 -7.30 20.18 37.48
CA GLY D 46 -7.10 20.41 36.07
C GLY D 46 -8.39 20.29 35.27
N LEU D 47 -8.27 20.49 33.96
CA LEU D 47 -9.40 20.38 33.06
C LEU D 47 -9.89 18.94 32.99
N GLU D 48 -11.20 18.75 33.10
CA GLU D 48 -11.82 17.43 33.08
C GLU D 48 -12.94 17.39 32.06
N TRP D 49 -12.95 16.35 31.23
CA TRP D 49 -13.99 16.17 30.24
C TRP D 49 -15.26 15.62 30.90
N VAL D 50 -16.40 16.19 30.52
CA VAL D 50 -17.69 15.81 31.09
C VAL D 50 -18.53 15.01 30.09
N SER D 51 -18.87 15.62 28.96
CA SER D 51 -19.72 14.96 27.98
C SER D 51 -19.35 15.43 26.59
N ASP D 52 -19.74 14.65 25.59
CA ASP D 52 -19.51 14.99 24.20
C ASP D 52 -20.71 14.58 23.35
N ILE D 53 -20.96 15.38 22.32
CA ILE D 53 -22.04 15.14 21.37
C ILE D 53 -21.52 15.42 19.97
N SER D 54 -21.90 14.57 19.02
CA SER D 54 -21.38 14.63 17.66
C SER D 54 -22.07 15.75 16.88
N GLN D 55 -21.86 15.77 15.56
CA GLN D 55 -22.41 16.84 14.74
C GLN D 55 -23.93 16.81 14.70
N SER D 56 -24.53 15.63 14.56
CA SER D 56 -25.97 15.51 14.43
C SER D 56 -26.66 15.10 15.72
N GLY D 57 -25.90 14.78 16.77
CA GLY D 57 -26.49 14.37 18.03
C GLY D 57 -26.79 12.90 18.15
N ALA D 58 -26.56 12.12 17.08
CA ALA D 58 -26.83 10.68 17.14
C ALA D 58 -25.95 10.00 18.18
N SER D 59 -24.67 10.36 18.23
CA SER D 59 -23.72 9.78 19.17
C SER D 59 -23.49 10.77 20.32
N ILE D 60 -23.84 10.34 21.54
CA ILE D 60 -23.68 11.16 22.73
C ILE D 60 -23.04 10.30 23.81
N SER D 61 -22.14 10.90 24.59
CA SER D 61 -21.50 10.16 25.68
C SER D 61 -21.21 11.11 26.84
N TYR D 62 -21.11 10.52 28.04
CA TYR D 62 -20.84 11.26 29.26
C TYR D 62 -19.79 10.53 30.07
N THR D 63 -19.11 11.26 30.95
CA THR D 63 -18.21 10.63 31.88
C THR D 63 -19.00 9.89 32.98
N GLY D 64 -18.31 8.97 33.65
CA GLY D 64 -18.98 8.14 34.64
C GLY D 64 -19.52 8.94 35.81
N SER D 65 -18.80 9.98 36.22
CA SER D 65 -19.18 10.76 37.39
C SER D 65 -20.49 11.53 37.19
N VAL D 66 -20.86 11.82 35.94
CA VAL D 66 -22.08 12.58 35.66
C VAL D 66 -23.10 11.80 34.86
N LYS D 67 -22.80 10.55 34.49
CA LYS D 67 -23.73 9.77 33.68
C LYS D 67 -25.04 9.54 34.44
N GLY D 68 -26.15 9.76 33.75
CA GLY D 68 -27.46 9.61 34.34
C GLY D 68 -27.97 10.83 35.08
N ARG D 69 -27.19 11.91 35.16
CA ARG D 69 -27.60 13.13 35.84
C ARG D 69 -27.59 14.35 34.95
N PHE D 70 -26.66 14.45 34.00
CA PHE D 70 -26.56 15.60 33.12
C PHE D 70 -26.95 15.19 31.70
N THR D 71 -27.57 16.11 30.98
CA THR D 71 -28.02 15.87 29.61
C THR D 71 -27.49 16.97 28.71
N ILE D 72 -27.12 16.60 27.49
CA ILE D 72 -26.60 17.55 26.51
C ILE D 72 -27.49 17.52 25.27
N SER D 73 -27.54 18.66 24.59
CA SER D 73 -28.34 18.77 23.37
C SER D 73 -27.78 19.89 22.51
N ARG D 74 -28.17 19.87 21.23
CA ARG D 74 -27.71 20.84 20.24
C ARG D 74 -28.90 21.51 19.57
N ASP D 75 -28.69 22.75 19.13
CA ASP D 75 -29.67 23.51 18.35
C ASP D 75 -28.88 24.13 17.20
N ASN D 76 -28.79 23.40 16.08
CA ASN D 76 -28.02 23.90 14.94
C ASN D 76 -28.72 25.06 14.24
N ALA D 77 -30.04 25.18 14.41
CA ALA D 77 -30.75 26.32 13.84
C ALA D 77 -30.29 27.62 14.47
N LYS D 78 -30.14 27.63 15.80
CA LYS D 78 -29.68 28.81 16.53
C LYS D 78 -28.21 28.74 16.91
N ASN D 79 -27.51 27.69 16.53
CA ASN D 79 -26.10 27.49 16.85
C ASN D 79 -25.86 27.58 18.36
N THR D 80 -26.52 26.69 19.09
CA THR D 80 -26.47 26.70 20.54
C THR D 80 -26.23 25.30 21.07
N LEU D 81 -25.50 25.21 22.18
CA LEU D 81 -25.27 23.96 22.89
C LEU D 81 -25.89 24.07 24.28
N TYR D 82 -26.76 23.12 24.62
CA TYR D 82 -27.49 23.15 25.88
C TYR D 82 -27.05 22.01 26.78
N LEU D 83 -26.90 22.31 28.07
CA LEU D 83 -26.53 21.34 29.10
C LEU D 83 -27.48 21.50 30.27
N GLN D 84 -28.32 20.49 30.48
CA GLN D 84 -29.24 20.46 31.60
C GLN D 84 -28.62 19.65 32.74
N MET D 85 -28.48 20.28 33.90
CA MET D 85 -27.94 19.65 35.09
C MET D 85 -29.06 19.36 36.08
N ASN D 86 -29.14 18.11 36.53
CA ASN D 86 -30.14 17.71 37.50
C ASN D 86 -29.46 16.98 38.65
N SER D 87 -29.97 17.21 39.86
CA SER D 87 -29.43 16.61 41.08
C SER D 87 -27.95 16.94 41.25
N LEU D 88 -27.67 18.23 41.39
CA LEU D 88 -26.31 18.70 41.55
C LEU D 88 -25.71 18.22 42.87
N LYS D 89 -24.40 18.16 42.91
CA LYS D 89 -23.64 17.69 44.05
C LYS D 89 -22.60 18.72 44.45
N PRO D 90 -22.19 18.73 45.72
CA PRO D 90 -21.17 19.71 46.15
C PRO D 90 -19.83 19.54 45.44
N GLU D 91 -19.57 18.36 44.86
CA GLU D 91 -18.32 18.14 44.13
C GLU D 91 -18.34 18.73 42.74
N ASP D 92 -19.46 19.29 42.28
CA ASP D 92 -19.59 19.84 40.94
C ASP D 92 -19.26 21.32 40.87
N THR D 93 -18.87 21.94 41.98
CA THR D 93 -18.50 23.35 41.98
C THR D 93 -17.24 23.56 41.15
N ALA D 94 -17.38 24.13 39.95
CA ALA D 94 -16.26 24.22 39.03
C ALA D 94 -16.61 25.18 37.91
N VAL D 95 -15.65 25.40 37.02
CA VAL D 95 -15.83 26.24 35.84
C VAL D 95 -16.06 25.33 34.64
N TYR D 96 -17.15 25.57 33.91
CA TYR D 96 -17.50 24.77 32.75
C TYR D 96 -17.18 25.54 31.47
N TYR D 97 -16.48 24.87 30.55
CA TYR D 97 -16.11 25.42 29.26
C TYR D 97 -16.73 24.59 28.15
N CYS D 98 -17.06 25.24 27.04
CA CYS D 98 -17.53 24.57 25.83
C CYS D 98 -16.37 24.52 24.85
N ALA D 99 -15.93 23.31 24.50
CA ALA D 99 -14.78 23.12 23.62
C ALA D 99 -15.26 22.60 22.28
N ARG D 100 -14.65 23.10 21.21
CA ARG D 100 -14.96 22.67 19.86
C ARG D 100 -13.80 21.86 19.29
N CYS D 101 -14.13 20.83 18.53
CA CYS D 101 -13.09 20.02 17.90
C CYS D 101 -12.29 20.88 16.91
N PRO D 102 -10.97 20.71 16.87
CA PRO D 102 -10.16 21.53 15.94
C PRO D 102 -10.53 21.35 14.48
N ALA D 103 -10.93 20.16 14.07
CA ALA D 103 -11.20 19.91 12.66
C ALA D 103 -12.63 19.44 12.46
N PRO D 104 -13.25 19.82 11.34
CA PRO D 104 -14.62 19.38 11.06
C PRO D 104 -14.65 18.04 10.33
N PHE D 105 -15.85 17.49 10.25
CA PHE D 105 -16.12 16.22 9.58
C PHE D 105 -15.22 15.10 10.11
N THR D 106 -15.03 15.12 11.42
CA THR D 106 -14.16 14.15 12.08
C THR D 106 -14.76 13.76 13.42
N ARG D 107 -14.68 12.47 13.73
CA ARG D 107 -15.17 11.96 15.01
C ARG D 107 -14.22 12.30 16.15
N ASP D 108 -12.96 11.87 16.04
CA ASP D 108 -11.97 12.17 17.06
C ASP D 108 -11.52 13.62 16.95
N CYS D 109 -11.02 14.16 18.07
CA CYS D 109 -10.36 15.45 18.07
C CYS D 109 -9.59 15.60 19.39
N PHE D 110 -8.32 15.96 19.30
CA PHE D 110 -7.45 16.02 20.46
C PHE D 110 -7.51 17.39 21.11
N ASP D 111 -6.76 17.54 22.21
CA ASP D 111 -6.52 18.83 22.86
C ASP D 111 -7.80 19.48 23.37
N VAL D 112 -8.82 18.68 23.69
CA VAL D 112 -10.06 19.23 24.24
C VAL D 112 -9.81 19.84 25.62
N THR D 113 -9.06 19.14 26.46
CA THR D 113 -8.78 19.57 27.83
C THR D 113 -7.42 20.25 27.97
N SER D 114 -6.94 20.89 26.92
CA SER D 114 -5.64 21.55 26.97
C SER D 114 -5.70 22.79 27.87
N THR D 115 -4.56 23.12 28.47
CA THR D 115 -4.48 24.29 29.33
C THR D 115 -4.72 25.58 28.53
N THR D 116 -4.14 25.67 27.33
CA THR D 116 -4.26 26.88 26.53
C THR D 116 -4.93 26.57 25.18
N TYR D 117 -6.00 25.79 25.21
CA TYR D 117 -6.73 25.47 23.99
C TYR D 117 -7.36 26.73 23.40
N ALA D 118 -7.29 26.86 22.08
CA ALA D 118 -7.71 28.08 21.41
C ALA D 118 -9.24 28.14 21.26
N TYR D 119 -9.83 27.09 20.70
CA TYR D 119 -11.26 27.09 20.38
C TYR D 119 -12.06 26.66 21.61
N ARG D 120 -11.92 27.44 22.67
CA ARG D 120 -12.63 27.18 23.92
C ARG D 120 -13.04 28.52 24.54
N GLY D 121 -14.24 28.54 25.11
CA GLY D 121 -14.77 29.76 25.68
C GLY D 121 -14.18 30.08 27.04
N GLN D 122 -14.61 31.24 27.57
CA GLN D 122 -14.12 31.69 28.87
C GLN D 122 -14.66 30.83 30.00
N GLY D 123 -15.82 30.22 29.81
CA GLY D 123 -16.38 29.33 30.82
C GLY D 123 -17.27 30.08 31.80
N THR D 124 -18.09 29.31 32.51
CA THR D 124 -19.00 29.85 33.52
C THR D 124 -18.81 29.10 34.83
N GLN D 125 -18.86 29.84 35.94
CA GLN D 125 -18.65 29.26 37.26
C GLN D 125 -19.98 28.74 37.80
N VAL D 126 -19.99 27.47 38.22
CA VAL D 126 -21.16 26.85 38.82
C VAL D 126 -20.78 26.43 40.24
N THR D 127 -21.54 26.93 41.22
CA THR D 127 -21.29 26.65 42.63
C THR D 127 -22.51 25.93 43.20
N VAL D 128 -22.28 24.80 43.85
CA VAL D 128 -23.34 24.01 44.45
C VAL D 128 -23.20 24.01 45.97
N TYR E 1 3.39 -35.08 -14.50
CA TYR E 1 2.21 -34.18 -14.48
C TYR E 1 1.17 -34.67 -15.50
N GLN E 3 -0.18 -33.47 -18.25
CA GLN E 3 0.00 -33.19 -19.70
C GLN E 3 1.11 -34.05 -20.30
N GLY E 4 2.15 -34.41 -19.53
CA GLY E 4 3.17 -35.33 -20.05
C GLY E 4 2.55 -36.69 -20.19
N THR E 5 1.54 -36.96 -19.37
CA THR E 5 0.77 -38.20 -19.39
C THR E 5 -0.27 -38.18 -20.50
N PHE E 6 -1.01 -37.07 -20.63
CA PHE E 6 -1.99 -36.97 -21.70
C PHE E 6 -1.31 -37.00 -23.07
N THR E 7 -0.18 -36.33 -23.21
CA THR E 7 0.53 -36.32 -24.48
C THR E 7 1.02 -37.71 -24.85
N SER E 8 1.52 -38.46 -23.87
CA SER E 8 1.98 -39.83 -24.14
C SER E 8 0.80 -40.72 -24.51
N ASP E 9 -0.35 -40.51 -23.91
CA ASP E 9 -1.53 -41.31 -24.27
C ASP E 9 -1.92 -40.96 -25.70
N TYR E 10 -2.01 -39.67 -26.02
CA TYR E 10 -2.38 -39.23 -27.39
C TYR E 10 -1.32 -39.68 -28.40
N SER E 11 -0.03 -39.57 -28.05
CA SER E 11 1.10 -39.91 -28.96
C SER E 11 1.21 -41.40 -29.17
N ILE E 12 0.88 -42.21 -28.16
CA ILE E 12 0.82 -43.68 -28.35
C ILE E 12 -0.39 -44.00 -29.24
N LEU E 14 -2.02 -42.28 -31.51
CA LEU E 14 -1.89 -41.85 -32.93
C LEU E 14 -0.89 -42.76 -33.66
N ASP E 15 0.21 -43.12 -33.01
CA ASP E 15 1.14 -44.08 -33.65
C ASP E 15 0.38 -45.38 -33.93
N LYS E 16 -0.48 -45.81 -32.99
CA LYS E 16 -1.23 -47.07 -33.18
C LYS E 16 -2.05 -46.95 -34.46
N LYS E 17 -2.78 -45.86 -34.67
CA LYS E 17 -3.62 -45.78 -35.87
C LYS E 17 -2.78 -45.42 -37.08
N ALA E 18 -1.62 -44.82 -36.90
CA ALA E 18 -0.74 -44.55 -38.07
C ALA E 18 -0.24 -45.87 -38.66
N GLN E 19 0.12 -46.82 -37.81
CA GLN E 19 0.60 -48.15 -38.30
C GLN E 19 -0.59 -48.92 -38.87
N ALA E 21 -3.16 -47.66 -40.60
CA ALA E 21 -3.32 -47.16 -41.99
C ALA E 21 -2.25 -47.78 -42.89
N PHE E 22 -1.02 -47.90 -42.40
CA PHE E 22 0.08 -48.44 -43.22
C PHE E 22 -0.22 -49.89 -43.61
N ILE E 23 -0.74 -50.68 -42.66
CA ILE E 23 -1.11 -52.08 -42.98
C ILE E 23 -2.21 -52.04 -44.04
N GLU E 24 -3.15 -51.11 -43.90
CA GLU E 24 -4.24 -50.99 -44.88
C GLU E 24 -3.61 -50.64 -46.22
N TYR E 25 -2.60 -49.78 -46.23
CA TYR E 25 -1.94 -49.35 -47.49
C TYR E 25 -1.32 -50.57 -48.15
N LEU E 26 -0.69 -51.44 -47.37
CA LEU E 26 -0.11 -52.67 -47.93
C LEU E 26 -1.25 -53.54 -48.49
N LEU E 27 -2.37 -53.62 -47.78
CA LEU E 27 -3.54 -54.42 -48.24
C LEU E 27 -4.04 -53.80 -49.55
N GLU E 28 -4.03 -52.47 -49.62
CA GLU E 28 -4.50 -51.74 -50.83
C GLU E 28 -3.61 -52.15 -52.00
N GLY E 29 -2.32 -52.33 -51.77
CA GLY E 29 -1.38 -52.62 -52.86
C GLY E 29 -0.01 -52.08 -52.53
N GLY E 30 0.18 -51.62 -51.29
CA GLY E 30 1.49 -51.12 -50.86
C GLY E 30 1.95 -49.95 -51.70
N PRO E 31 3.18 -49.94 -52.23
CA PRO E 31 3.71 -48.76 -52.92
C PRO E 31 2.85 -48.41 -54.14
N SER E 32 2.38 -49.41 -54.89
CA SER E 32 1.46 -49.11 -56.00
C SER E 32 0.18 -48.51 -55.41
N SER E 33 -0.38 -47.50 -56.07
CA SER E 33 -1.60 -46.81 -55.54
C SER E 33 -1.46 -46.60 -54.04
N ALA F 5 3.61 -52.54 -25.16
CA ALA F 5 4.42 -51.47 -25.72
C ALA F 5 3.74 -50.86 -26.95
N THR F 6 4.42 -49.90 -27.58
CA THR F 6 3.91 -49.21 -28.76
C THR F 6 4.75 -49.61 -29.97
N VAL F 7 4.10 -50.19 -30.98
CA VAL F 7 4.78 -50.56 -32.22
C VAL F 7 4.86 -49.29 -33.08
N SER F 8 6.08 -48.77 -33.25
CA SER F 8 6.27 -47.54 -34.00
C SER F 8 5.99 -47.76 -35.48
N LEU F 9 5.48 -46.72 -36.13
CA LEU F 9 5.24 -46.77 -37.57
C LEU F 9 6.55 -46.95 -38.34
N TRP F 10 7.60 -46.22 -37.93
CA TRP F 10 8.89 -46.36 -38.59
C TRP F 10 9.45 -47.76 -38.43
N GLU F 11 9.35 -48.33 -37.22
CA GLU F 11 9.82 -49.70 -37.01
C GLU F 11 9.04 -50.68 -37.86
N THR F 12 7.72 -50.51 -37.94
CA THR F 12 6.89 -51.42 -38.73
C THR F 12 7.24 -51.33 -40.21
N VAL F 13 7.43 -50.12 -40.72
CA VAL F 13 7.74 -49.98 -42.14
C VAL F 13 9.15 -50.50 -42.45
N GLN F 14 10.09 -50.33 -41.51
CA GLN F 14 11.42 -50.90 -41.70
C GLN F 14 11.35 -52.42 -41.71
N LYS F 15 10.55 -53.01 -40.81
CA LYS F 15 10.38 -54.46 -40.80
C LYS F 15 9.75 -54.95 -42.10
N TRP F 16 8.77 -54.20 -42.62
CA TRP F 16 8.17 -54.57 -43.90
C TRP F 16 9.18 -54.47 -45.04
N ARG F 17 10.04 -53.44 -45.00
CA ARG F 17 11.06 -53.31 -46.03
C ARG F 17 12.03 -54.49 -46.00
N GLU F 18 12.46 -54.89 -44.81
CA GLU F 18 13.32 -56.06 -44.69
C GLU F 18 12.59 -57.31 -45.18
N TYR F 19 11.31 -57.45 -44.83
CA TYR F 19 10.54 -58.63 -45.23
C TYR F 19 10.40 -58.70 -46.75
N ARG F 20 10.13 -57.56 -47.40
CA ARG F 20 9.98 -57.57 -48.85
C ARG F 20 11.32 -57.79 -49.55
N ARG F 21 12.42 -57.27 -48.99
CA ARG F 21 13.73 -57.58 -49.54
C ARG F 21 14.01 -59.08 -49.47
N GLN F 22 13.72 -59.70 -48.32
CA GLN F 22 13.92 -61.14 -48.18
C GLN F 22 13.00 -61.91 -49.11
N CYS F 23 11.78 -61.41 -49.31
CA CYS F 23 10.84 -62.06 -50.22
C CYS F 23 11.35 -62.03 -51.65
N GLN F 24 11.87 -60.89 -52.09
CA GLN F 24 12.44 -60.79 -53.43
C GLN F 24 13.65 -61.70 -53.58
N ARG F 25 14.50 -61.76 -52.54
CA ARG F 25 15.64 -62.67 -52.55
C ARG F 25 15.17 -64.13 -52.70
N SER F 26 14.16 -64.51 -51.93
CA SER F 26 13.66 -65.89 -52.00
C SER F 26 13.06 -66.18 -53.37
N LEU F 27 12.24 -65.27 -53.90
CA LEU F 27 11.64 -65.48 -55.21
C LEU F 27 12.69 -65.56 -56.31
N THR F 28 13.79 -64.81 -56.20
CA THR F 28 14.88 -64.94 -57.14
C THR F 28 15.62 -66.26 -56.99
N GLU F 29 15.77 -66.75 -55.76
CA GLU F 29 16.56 -67.96 -55.53
C GLU F 29 15.72 -69.23 -55.54
N ASP F 30 14.40 -69.12 -55.41
CA ASP F 30 13.56 -70.31 -55.34
C ASP F 30 13.51 -70.98 -56.72
N PRO F 31 13.91 -72.25 -56.82
CA PRO F 31 13.80 -72.95 -58.10
C PRO F 31 12.35 -73.22 -58.46
N PRO F 32 11.97 -73.02 -59.72
CA PRO F 32 10.58 -73.26 -60.14
C PRO F 32 10.32 -74.74 -60.32
N PRO F 33 9.06 -75.17 -60.22
CA PRO F 33 8.75 -76.59 -60.46
C PRO F 33 8.78 -76.92 -61.95
N ALA F 34 8.86 -78.22 -62.23
CA ALA F 34 8.95 -78.69 -63.61
C ALA F 34 7.63 -78.57 -64.35
N THR F 35 6.52 -78.68 -63.65
CA THR F 35 5.21 -78.64 -64.29
C THR F 35 4.97 -77.30 -64.98
N ASP F 36 4.46 -77.35 -66.21
CA ASP F 36 4.18 -76.13 -66.95
C ASP F 36 2.96 -75.39 -66.43
N LEU F 37 1.98 -76.13 -65.90
CA LEU F 37 0.75 -75.54 -65.40
C LEU F 37 0.89 -74.97 -63.99
N PHE F 38 2.11 -74.77 -63.51
CA PHE F 38 2.32 -74.23 -62.17
C PHE F 38 1.86 -72.78 -62.11
N CYS F 39 1.33 -72.39 -60.94
CA CYS F 39 0.97 -71.00 -60.72
C CYS F 39 2.22 -70.18 -60.47
N ASN F 40 2.34 -69.05 -61.16
CA ASN F 40 3.52 -68.21 -61.04
C ASN F 40 3.61 -67.58 -59.66
N ARG F 41 4.82 -67.49 -59.13
CA ARG F 41 5.02 -66.82 -57.85
C ARG F 41 4.61 -65.36 -57.95
N THR F 42 3.88 -64.90 -56.94
CA THR F 42 3.31 -63.56 -56.96
C THR F 42 3.61 -62.89 -55.62
N PHE F 43 3.79 -61.56 -55.67
CA PHE F 43 4.03 -60.75 -54.50
C PHE F 43 3.05 -59.59 -54.50
N ASP F 44 2.10 -59.62 -53.58
CA ASP F 44 1.06 -58.60 -53.46
C ASP F 44 1.32 -57.70 -52.25
N GLU F 45 2.60 -57.45 -51.98
CA GLU F 45 3.12 -56.60 -50.90
C GLU F 45 2.81 -57.15 -49.52
N TYR F 46 2.20 -58.34 -49.41
CA TYR F 46 1.82 -58.87 -48.10
C TYR F 46 2.62 -60.11 -47.74
N ALA F 47 2.60 -61.12 -48.61
CA ALA F 47 3.21 -62.41 -48.33
C ALA F 47 4.07 -62.86 -49.51
N CYS F 48 5.07 -63.69 -49.21
CA CYS F 48 5.94 -64.27 -50.23
C CYS F 48 5.33 -65.59 -50.69
N TRP F 49 4.50 -65.50 -51.71
CA TRP F 49 3.80 -66.68 -52.21
C TRP F 49 4.73 -67.53 -53.07
N PRO F 50 4.96 -68.79 -52.71
CA PRO F 50 5.78 -69.67 -53.54
C PRO F 50 4.98 -70.25 -54.69
N ASP F 51 5.68 -70.94 -55.58
CA ASP F 51 5.03 -71.60 -56.70
C ASP F 51 4.16 -72.76 -56.22
N GLY F 52 3.00 -72.91 -56.84
CA GLY F 52 2.08 -73.96 -56.46
C GLY F 52 1.63 -74.81 -57.63
N GLU F 53 1.48 -76.12 -57.39
CA GLU F 53 0.99 -77.01 -58.43
C GLU F 53 -0.48 -76.69 -58.75
N PRO F 54 -0.92 -76.95 -59.97
CA PRO F 54 -2.32 -76.64 -60.32
C PRO F 54 -3.30 -77.42 -59.46
N GLY F 55 -4.39 -76.75 -59.08
CA GLY F 55 -5.40 -77.35 -58.23
C GLY F 55 -4.87 -77.76 -56.87
N SER F 56 -4.46 -76.78 -56.07
CA SER F 56 -3.83 -77.08 -54.78
C SER F 56 -4.23 -76.03 -53.76
N PHE F 57 -3.85 -76.29 -52.51
CA PHE F 57 -4.11 -75.38 -51.40
C PHE F 57 -2.79 -75.07 -50.69
N VAL F 58 -2.56 -73.79 -50.40
CA VAL F 58 -1.33 -73.34 -49.77
C VAL F 58 -1.68 -72.70 -48.43
N ASN F 59 -0.98 -73.12 -47.39
CA ASN F 59 -1.19 -72.59 -46.03
C ASN F 59 0.15 -72.24 -45.42
N VAL F 60 0.28 -71.01 -44.93
CA VAL F 60 1.50 -70.50 -44.35
C VAL F 60 1.16 -69.60 -43.16
N SER F 61 2.20 -69.08 -42.51
CA SER F 61 2.06 -68.25 -41.33
C SER F 61 2.12 -66.77 -41.70
N CYS F 62 1.81 -65.92 -40.73
CA CYS F 62 1.81 -64.48 -40.91
C CYS F 62 3.22 -63.95 -41.09
N PRO F 63 3.38 -62.82 -41.79
CA PRO F 63 4.72 -62.23 -41.98
C PRO F 63 5.28 -61.65 -40.69
N TRP F 64 6.56 -61.27 -40.72
CA TRP F 64 7.23 -60.78 -39.53
C TRP F 64 6.72 -59.40 -39.12
N TYR F 65 6.44 -58.54 -40.09
CA TYR F 65 6.17 -57.13 -39.79
C TYR F 65 4.82 -56.92 -39.11
N LEU F 66 3.96 -57.93 -39.07
CA LEU F 66 2.66 -57.76 -38.44
C LEU F 66 2.81 -57.57 -36.94
N PRO F 67 2.29 -56.48 -36.37
CA PRO F 67 2.46 -56.24 -34.93
C PRO F 67 1.66 -57.20 -34.06
N TRP F 68 0.50 -57.65 -34.57
CA TRP F 68 -0.37 -58.57 -33.83
C TRP F 68 -0.08 -60.03 -34.15
N ALA F 69 1.14 -60.35 -34.57
CA ALA F 69 1.48 -61.74 -34.88
C ALA F 69 1.34 -62.64 -33.65
N SER F 70 1.50 -62.08 -32.46
CA SER F 70 1.31 -62.86 -31.23
C SER F 70 -0.13 -63.38 -31.14
N SER F 71 -1.10 -62.64 -31.69
CA SER F 71 -2.46 -63.14 -31.75
C SER F 71 -2.62 -64.31 -32.71
N VAL F 72 -1.80 -64.38 -33.75
CA VAL F 72 -1.82 -65.48 -34.71
C VAL F 72 -0.39 -65.98 -34.90
N PRO F 73 0.16 -66.71 -33.93
CA PRO F 73 1.58 -67.11 -34.04
C PRO F 73 1.87 -67.99 -35.25
N GLN F 74 1.04 -68.99 -35.52
CA GLN F 74 1.30 -69.95 -36.57
C GLN F 74 0.14 -70.01 -37.55
N GLY F 75 0.47 -70.18 -38.82
CA GLY F 75 -0.54 -70.34 -39.85
C GLY F 75 -1.32 -69.08 -40.13
N HIS F 76 -2.57 -69.28 -40.54
CA HIS F 76 -3.56 -68.23 -40.80
C HIS F 76 -3.26 -67.41 -42.05
N VAL F 77 -2.59 -67.98 -43.05
CA VAL F 77 -2.52 -67.39 -44.38
C VAL F 77 -2.81 -68.50 -45.38
N TYR F 78 -3.78 -68.28 -46.26
CA TYR F 78 -4.24 -69.35 -47.13
C TYR F 78 -4.42 -68.85 -48.56
N ARG F 79 -4.27 -69.78 -49.50
CA ARG F 79 -4.48 -69.49 -50.91
C ARG F 79 -4.88 -70.76 -51.63
N PHE F 80 -5.53 -70.59 -52.78
CA PHE F 80 -6.01 -71.69 -53.59
C PHE F 80 -5.55 -71.51 -55.04
N CYS F 81 -5.20 -72.63 -55.67
CA CYS F 81 -4.77 -72.66 -57.06
C CYS F 81 -5.72 -73.56 -57.85
N THR F 82 -6.23 -73.05 -58.96
CA THR F 82 -7.23 -73.76 -59.76
C THR F 82 -6.57 -74.87 -60.58
N ALA F 83 -7.42 -75.68 -61.22
CA ALA F 83 -6.93 -76.81 -61.99
C ALA F 83 -6.11 -76.38 -63.20
N GLU F 84 -6.55 -75.31 -63.89
CA GLU F 84 -5.83 -74.88 -65.08
C GLU F 84 -4.49 -74.25 -64.75
N GLY F 85 -4.29 -73.77 -63.53
CA GLY F 85 -3.02 -73.19 -63.15
C GLY F 85 -3.07 -71.68 -62.98
N LEU F 86 -4.23 -71.16 -62.63
CA LEU F 86 -4.43 -69.74 -62.44
C LEU F 86 -5.06 -69.48 -61.07
N TRP F 87 -4.68 -68.37 -60.46
CA TRP F 87 -5.24 -68.00 -59.17
C TRP F 87 -6.72 -67.67 -59.32
N LEU F 88 -7.49 -67.94 -58.26
CA LEU F 88 -8.92 -67.70 -58.28
C LEU F 88 -9.21 -66.20 -58.20
N GLN F 89 -9.38 -65.56 -59.35
CA GLN F 89 -9.64 -64.13 -59.38
C GLN F 89 -10.99 -63.81 -58.79
N LYS F 90 -11.09 -62.63 -58.15
CA LYS F 90 -12.32 -62.19 -57.54
C LYS F 90 -13.32 -61.75 -58.61
N ASP F 91 -14.52 -61.37 -58.17
CA ASP F 91 -15.55 -60.91 -59.08
C ASP F 91 -15.16 -59.56 -59.68
N ASN F 92 -15.42 -59.42 -60.99
CA ASN F 92 -15.14 -58.23 -61.78
C ASN F 92 -13.77 -57.61 -61.45
N SER F 93 -12.78 -58.45 -61.21
CA SER F 93 -11.44 -57.98 -60.87
C SER F 93 -10.44 -59.09 -61.19
N SER F 94 -9.19 -58.86 -60.81
CA SER F 94 -8.10 -59.80 -61.05
C SER F 94 -7.27 -60.01 -59.80
N LEU F 95 -7.94 -60.19 -58.65
CA LEU F 95 -7.25 -60.42 -57.39
C LEU F 95 -7.62 -61.79 -56.83
N PRO F 96 -6.67 -62.47 -56.19
CA PRO F 96 -6.95 -63.82 -55.68
C PRO F 96 -7.94 -63.78 -54.51
N TRP F 97 -8.29 -64.98 -54.06
CA TRP F 97 -9.22 -65.12 -52.94
C TRP F 97 -8.63 -64.49 -51.68
N ARG F 98 -9.50 -63.87 -50.90
CA ARG F 98 -9.08 -63.08 -49.74
C ARG F 98 -9.05 -63.96 -48.49
N ASP F 99 -7.92 -63.93 -47.78
CA ASP F 99 -7.76 -64.66 -46.53
C ASP F 99 -7.33 -63.76 -45.38
N LEU F 100 -7.57 -62.46 -45.48
CA LEU F 100 -7.12 -61.53 -44.45
C LEU F 100 -7.82 -61.75 -43.12
N SER F 101 -9.06 -62.26 -43.15
CA SER F 101 -9.84 -62.39 -41.93
C SER F 101 -9.19 -63.35 -40.93
N GLU F 102 -8.47 -64.36 -41.42
CA GLU F 102 -7.83 -65.31 -40.52
C GLU F 102 -6.73 -64.64 -39.70
N CYS F 103 -5.91 -63.81 -40.33
CA CYS F 103 -4.79 -63.17 -39.65
C CYS F 103 -5.11 -61.77 -39.13
N GLU F 104 -6.31 -61.26 -39.40
CA GLU F 104 -6.66 -59.91 -38.96
C GLU F 104 -7.00 -59.91 -37.47
N GLU F 105 -6.85 -58.74 -36.85
CA GLU F 105 -7.12 -58.56 -35.43
C GLU F 105 -8.59 -58.79 -35.13
N SER F 106 -8.91 -59.24 -33.91
CA SER F 106 -10.28 -59.53 -33.51
C SER F 106 -11.07 -58.30 -33.12
N LYS F 107 -10.65 -57.12 -33.58
CA LYS F 107 -11.36 -55.86 -33.33
C LYS F 107 -11.45 -55.54 -31.84
N SER F 113 -8.52 -46.83 -25.27
CA SER F 113 -9.34 -45.63 -25.13
C SER F 113 -9.80 -45.11 -26.49
N PRO F 114 -11.11 -44.94 -26.64
CA PRO F 114 -11.64 -44.43 -27.92
C PRO F 114 -11.22 -42.99 -28.16
N GLU F 115 -11.18 -42.63 -29.44
CA GLU F 115 -10.76 -41.27 -29.82
C GLU F 115 -11.76 -40.24 -29.30
N GLU F 116 -13.03 -40.62 -29.17
CA GLU F 116 -14.03 -39.69 -28.66
C GLU F 116 -13.79 -39.33 -27.20
N GLN F 117 -13.28 -40.27 -26.40
CA GLN F 117 -12.99 -39.97 -25.00
C GLN F 117 -11.89 -38.94 -24.86
N LEU F 118 -10.82 -39.07 -25.65
CA LEU F 118 -9.73 -38.11 -25.60
C LEU F 118 -10.05 -36.80 -26.31
N LEU F 119 -10.97 -36.81 -27.28
CA LEU F 119 -11.33 -35.57 -27.97
C LEU F 119 -12.03 -34.60 -27.02
N PHE F 120 -12.85 -35.17 -26.14
CA PHE F 120 -13.55 -34.36 -25.13
C PHE F 120 -12.49 -33.63 -24.33
N LEU F 121 -11.59 -34.40 -23.74
CA LEU F 121 -10.53 -33.87 -22.91
C LEU F 121 -9.71 -32.82 -23.65
N TYR F 122 -9.41 -33.09 -24.93
CA TYR F 122 -8.67 -32.13 -25.74
C TYR F 122 -9.41 -30.81 -25.82
N ILE F 123 -10.71 -30.85 -26.13
CA ILE F 123 -11.49 -29.63 -26.27
C ILE F 123 -11.54 -28.87 -24.95
N ILE F 124 -11.80 -29.59 -23.86
CA ILE F 124 -11.98 -28.93 -22.56
C ILE F 124 -10.69 -28.27 -22.12
N TYR F 125 -9.57 -29.00 -22.19
CA TYR F 125 -8.33 -28.42 -21.71
C TYR F 125 -7.79 -27.36 -22.66
N THR F 126 -8.07 -27.48 -23.96
CA THR F 126 -7.67 -26.42 -24.89
C THR F 126 -8.42 -25.13 -24.62
N VAL F 127 -9.73 -25.21 -24.44
CA VAL F 127 -10.50 -23.99 -24.18
C VAL F 127 -10.12 -23.41 -22.81
N GLY F 128 -9.86 -24.27 -21.83
CA GLY F 128 -9.41 -23.78 -20.54
C GLY F 128 -8.09 -23.05 -20.63
N TYR F 129 -7.14 -23.61 -21.37
CA TYR F 129 -5.84 -22.96 -21.54
C TYR F 129 -5.97 -21.65 -22.31
N ALA F 130 -6.85 -21.61 -23.32
CA ALA F 130 -7.04 -20.37 -24.07
C ALA F 130 -7.62 -19.27 -23.18
N LEU F 131 -8.65 -19.61 -22.38
CA LEU F 131 -9.22 -18.63 -21.47
C LEU F 131 -8.21 -18.17 -20.45
N SER F 132 -7.43 -19.10 -19.90
CA SER F 132 -6.39 -18.74 -18.95
C SER F 132 -5.34 -17.83 -19.59
N PHE F 133 -4.94 -18.13 -20.82
CA PHE F 133 -3.96 -17.31 -21.52
C PHE F 133 -4.46 -15.89 -21.69
N SER F 134 -5.71 -15.74 -22.14
CA SER F 134 -6.27 -14.40 -22.31
C SER F 134 -6.35 -13.65 -20.99
N ALA F 135 -6.85 -14.33 -19.94
CA ALA F 135 -7.00 -13.68 -18.65
C ALA F 135 -5.64 -13.28 -18.07
N LEU F 136 -4.63 -14.13 -18.24
CA LEU F 136 -3.32 -13.83 -17.68
C LEU F 136 -2.61 -12.74 -18.47
N VAL F 137 -2.81 -12.69 -19.78
CA VAL F 137 -2.29 -11.56 -20.55
C VAL F 137 -2.91 -10.26 -20.07
N ILE F 138 -4.22 -10.26 -19.87
CA ILE F 138 -4.90 -9.06 -19.37
C ILE F 138 -4.35 -8.69 -17.98
N ALA F 139 -4.18 -9.68 -17.11
CA ALA F 139 -3.70 -9.42 -15.75
C ALA F 139 -2.29 -8.87 -15.76
N SER F 140 -1.41 -9.44 -16.59
CA SER F 140 -0.04 -8.94 -16.68
C SER F 140 -0.02 -7.51 -17.21
N ALA F 141 -0.85 -7.21 -18.22
CA ALA F 141 -0.93 -5.85 -18.73
C ALA F 141 -1.40 -4.89 -17.64
N ILE F 142 -2.41 -5.29 -16.87
CA ILE F 142 -2.92 -4.44 -15.80
C ILE F 142 -1.85 -4.18 -14.75
N LEU F 143 -1.14 -5.25 -14.34
CA LEU F 143 -0.11 -5.10 -13.32
C LEU F 143 1.04 -4.23 -13.80
N LEU F 144 1.46 -4.40 -15.05
CA LEU F 144 2.55 -3.59 -15.59
C LEU F 144 2.12 -2.17 -15.93
N GLY F 145 0.82 -1.91 -16.07
CA GLY F 145 0.35 -0.60 -16.41
C GLY F 145 0.32 0.37 -15.24
N PHE F 146 -0.31 -0.05 -14.14
CA PHE F 146 -0.44 0.80 -12.96
C PHE F 146 0.89 0.84 -12.20
N ARG F 147 1.40 2.05 -11.98
CA ARG F 147 2.71 2.19 -11.35
C ARG F 147 2.66 1.86 -9.86
N HIS F 148 1.53 2.15 -9.21
CA HIS F 148 1.42 1.90 -7.77
C HIS F 148 1.55 0.41 -7.45
N LEU F 149 1.14 -0.46 -8.37
CA LEU F 149 1.19 -1.91 -8.15
C LEU F 149 2.49 -2.46 -8.73
N HIS F 150 3.59 -2.13 -8.06
CA HIS F 150 4.93 -2.56 -8.48
C HIS F 150 5.73 -3.06 -7.28
N CYS F 151 5.08 -3.78 -6.37
CA CYS F 151 5.78 -4.37 -5.24
C CYS F 151 6.40 -5.70 -5.64
N THR F 152 7.23 -6.24 -4.75
CA THR F 152 7.86 -7.53 -5.02
C THR F 152 6.84 -8.65 -5.10
N ARG F 153 5.76 -8.57 -4.33
CA ARG F 153 4.68 -9.53 -4.44
C ARG F 153 4.05 -9.49 -5.82
N ASN F 154 3.82 -8.29 -6.35
CA ASN F 154 3.30 -8.16 -7.71
C ASN F 154 4.30 -8.66 -8.74
N TYR F 155 5.60 -8.51 -8.47
CA TYR F 155 6.61 -9.06 -9.37
C TYR F 155 6.56 -10.60 -9.39
N ILE F 156 6.38 -11.21 -8.22
CA ILE F 156 6.25 -12.66 -8.17
C ILE F 156 4.97 -13.10 -8.87
N HIS F 157 3.89 -12.34 -8.71
CA HIS F 157 2.65 -12.64 -9.42
C HIS F 157 2.85 -12.55 -10.93
N LEU F 158 3.59 -11.52 -11.39
CA LEU F 158 3.86 -11.39 -12.82
C LEU F 158 4.70 -12.56 -13.32
N ASN F 159 5.69 -12.99 -12.54
CA ASN F 159 6.48 -14.16 -12.95
C ASN F 159 5.63 -15.41 -13.03
N LEU F 160 4.72 -15.60 -12.07
CA LEU F 160 3.82 -16.74 -12.12
C LEU F 160 2.90 -16.68 -13.34
N PHE F 161 2.39 -15.49 -13.65
CA PHE F 161 1.55 -15.32 -14.83
C PHE F 161 2.33 -15.63 -16.10
N ALA F 162 3.58 -15.18 -16.17
CA ALA F 162 4.42 -15.47 -17.32
C ALA F 162 4.67 -16.98 -17.44
N SER F 163 4.89 -17.66 -16.32
CA SER F 163 5.08 -19.11 -16.35
C SER F 163 3.83 -19.81 -16.86
N PHE F 164 2.65 -19.38 -16.39
CA PHE F 164 1.40 -19.96 -16.89
C PHE F 164 1.22 -19.71 -18.37
N ILE F 165 1.54 -18.49 -18.84
CA ILE F 165 1.41 -18.16 -20.25
C ILE F 165 2.35 -19.01 -21.09
N LEU F 166 3.59 -19.18 -20.63
CA LEU F 166 4.53 -20.04 -21.34
C LEU F 166 4.05 -21.47 -21.37
N ARG F 167 3.47 -21.96 -20.27
CA ARG F 167 2.93 -23.31 -20.25
C ARG F 167 1.81 -23.47 -21.26
N ALA F 168 0.90 -22.49 -21.33
CA ALA F 168 -0.20 -22.57 -22.29
C ALA F 168 0.30 -22.53 -23.72
N LEU F 169 1.27 -21.64 -24.01
CA LEU F 169 1.81 -21.54 -25.36
C LEU F 169 2.54 -22.83 -25.74
N SER F 170 3.30 -23.40 -24.80
CA SER F 170 3.98 -24.67 -25.07
C SER F 170 2.98 -25.78 -25.33
N VAL F 171 1.88 -25.80 -24.58
CA VAL F 171 0.83 -26.80 -24.81
C VAL F 171 0.24 -26.65 -26.21
N PHE F 172 -0.06 -25.41 -26.60
CA PHE F 172 -0.61 -25.17 -27.93
C PHE F 172 0.35 -25.62 -29.02
N ILE F 173 1.61 -25.23 -28.90
CA ILE F 173 2.61 -25.58 -29.91
C ILE F 173 2.82 -27.09 -29.94
N LYS F 174 2.76 -27.75 -28.78
CA LYS F 174 2.97 -29.19 -28.73
C LYS F 174 1.82 -29.94 -29.36
N ASP F 175 0.57 -29.52 -29.12
CA ASP F 175 -0.53 -30.19 -29.78
C ASP F 175 -0.52 -29.92 -31.28
N ALA F 176 -0.10 -28.72 -31.70
CA ALA F 176 0.08 -28.47 -33.12
C ALA F 176 1.12 -29.39 -33.73
N ALA F 177 2.25 -29.59 -33.02
CA ALA F 177 3.30 -30.48 -33.52
C ALA F 177 2.81 -31.91 -33.58
N LEU F 178 2.04 -32.35 -32.59
CA LEU F 178 1.47 -33.68 -32.60
C LEU F 178 0.54 -33.87 -33.79
N LYS F 179 -0.26 -32.83 -34.11
CA LYS F 179 -1.09 -32.87 -35.31
C LYS F 179 -0.24 -32.94 -36.57
N TRP F 180 0.88 -32.21 -36.61
CA TRP F 180 1.75 -32.24 -37.78
C TRP F 180 2.35 -33.63 -37.99
N MET F 181 2.85 -34.26 -36.93
CA MET F 181 3.58 -35.50 -37.06
C MET F 181 2.68 -36.73 -37.21
N TYR F 182 1.39 -36.60 -36.96
CA TYR F 182 0.43 -37.69 -37.17
C TYR F 182 -0.72 -37.13 -38.00
N SER F 183 -0.54 -37.14 -39.32
CA SER F 183 -1.51 -36.59 -40.26
C SER F 183 -1.18 -37.14 -41.64
N THR F 184 -1.72 -36.49 -42.68
CA THR F 184 -1.34 -36.85 -44.04
C THR F 184 0.15 -36.67 -44.27
N ALA F 185 0.80 -35.82 -43.46
CA ALA F 185 2.25 -35.72 -43.48
C ALA F 185 2.88 -37.03 -43.04
N ALA F 186 4.20 -37.14 -43.23
CA ALA F 186 4.94 -38.37 -42.99
C ALA F 186 4.39 -39.54 -43.80
N GLN F 187 3.97 -39.26 -45.03
CA GLN F 187 3.38 -40.27 -45.93
C GLN F 187 4.45 -41.25 -46.38
N GLN F 188 5.71 -40.94 -46.13
CA GLN F 188 6.83 -41.74 -46.62
C GLN F 188 6.85 -43.08 -45.88
N HIS F 189 6.01 -44.00 -46.36
CA HIS F 189 6.07 -45.38 -45.90
C HIS F 189 7.11 -46.15 -46.71
N GLN F 190 8.33 -45.62 -46.76
CA GLN F 190 9.38 -46.11 -47.64
C GLN F 190 10.68 -46.18 -46.86
N TRP F 191 11.79 -46.38 -47.58
CA TRP F 191 13.10 -46.42 -46.96
C TRP F 191 13.55 -45.05 -46.46
N ASP F 192 12.83 -43.99 -46.81
CA ASP F 192 13.22 -42.63 -46.42
C ASP F 192 13.01 -42.42 -44.93
N GLY F 193 14.08 -42.56 -44.15
CA GLY F 193 13.99 -42.34 -42.71
C GLY F 193 13.82 -40.88 -42.32
N LEU F 194 14.11 -39.96 -43.25
CA LEU F 194 13.97 -38.53 -43.00
C LEU F 194 12.50 -38.14 -43.05
N LEU F 195 11.82 -38.37 -41.93
CA LEU F 195 10.39 -38.06 -41.85
C LEU F 195 10.16 -36.56 -41.86
N SER F 196 8.90 -36.17 -42.08
CA SER F 196 8.57 -34.75 -42.21
C SER F 196 8.89 -33.97 -40.95
N TYR F 197 8.52 -34.52 -39.78
CA TYR F 197 8.75 -33.83 -38.52
C TYR F 197 9.34 -34.72 -37.43
N GLN F 198 9.18 -36.03 -37.49
CA GLN F 198 9.67 -36.89 -36.41
C GLN F 198 11.20 -36.90 -36.35
N ASP F 199 11.87 -36.90 -37.50
CA ASP F 199 13.32 -36.89 -37.53
C ASP F 199 13.91 -35.52 -37.28
N SER F 200 13.10 -34.47 -37.34
CA SER F 200 13.59 -33.12 -37.11
C SER F 200 13.81 -32.87 -35.62
N LEU F 201 14.86 -32.11 -35.31
CA LEU F 201 15.13 -31.74 -33.93
C LEU F 201 14.13 -30.71 -33.41
N SER F 202 13.37 -30.07 -34.29
CA SER F 202 12.44 -29.03 -33.87
C SER F 202 11.35 -29.59 -32.96
N CYS F 203 10.81 -30.78 -33.29
CA CYS F 203 9.77 -31.36 -32.46
C CYS F 203 10.31 -31.77 -31.10
N ARG F 204 11.53 -32.31 -31.06
CA ARG F 204 12.15 -32.66 -29.79
C ARG F 204 12.37 -31.42 -28.93
N LEU F 205 12.82 -30.33 -29.55
CA LEU F 205 12.98 -29.08 -28.81
C LEU F 205 11.63 -28.54 -28.35
N VAL F 206 10.57 -28.75 -29.13
CA VAL F 206 9.23 -28.33 -28.72
C VAL F 206 8.80 -29.10 -27.47
N PHE F 207 9.01 -30.41 -27.47
CA PHE F 207 8.65 -31.21 -26.29
C PHE F 207 9.48 -30.81 -25.07
N LEU F 208 10.78 -30.55 -25.28
CA LEU F 208 11.62 -30.08 -24.18
C LEU F 208 11.15 -28.73 -23.67
N LEU F 209 10.74 -27.84 -24.57
CA LEU F 209 10.21 -26.54 -24.15
C LEU F 209 8.94 -26.70 -23.32
N MET F 210 8.05 -27.61 -23.74
CA MET F 210 6.84 -27.86 -22.96
C MET F 210 7.17 -28.39 -21.57
N GLN F 211 8.13 -29.32 -21.50
CA GLN F 211 8.55 -29.87 -20.21
C GLN F 211 9.12 -28.76 -19.31
N TYR F 212 9.96 -27.90 -19.89
CA TYR F 212 10.53 -26.79 -19.13
C TYR F 212 9.43 -25.83 -18.67
N CYS F 213 8.44 -25.56 -19.53
CA CYS F 213 7.38 -24.64 -19.15
C CYS F 213 6.54 -25.18 -18.00
N VAL F 214 6.18 -26.46 -18.05
CA VAL F 214 5.38 -27.02 -16.97
C VAL F 214 6.19 -27.09 -15.67
N ALA F 215 7.47 -27.46 -15.76
CA ALA F 215 8.31 -27.47 -14.58
C ALA F 215 8.47 -26.08 -13.99
N ALA F 216 8.63 -25.07 -14.85
CA ALA F 216 8.76 -23.69 -14.39
C ALA F 216 7.47 -23.21 -13.74
N ASN F 217 6.32 -23.59 -14.29
CA ASN F 217 5.05 -23.22 -13.67
C ASN F 217 4.91 -23.83 -12.28
N TYR F 218 5.23 -25.12 -12.14
CA TYR F 218 5.15 -25.75 -10.82
C TYR F 218 6.13 -25.10 -9.85
N TYR F 219 7.36 -24.83 -10.30
CA TYR F 219 8.35 -24.24 -9.41
C TYR F 219 8.03 -22.79 -9.08
N TRP F 220 7.30 -22.08 -9.95
CA TRP F 220 6.88 -20.73 -9.60
C TRP F 220 5.70 -20.74 -8.62
N LEU F 221 4.82 -21.75 -8.71
CA LEU F 221 3.87 -21.96 -7.63
C LEU F 221 4.60 -22.20 -6.31
N LEU F 222 5.66 -23.01 -6.36
CA LEU F 222 6.48 -23.26 -5.18
C LEU F 222 7.12 -21.97 -4.67
N VAL F 223 7.61 -21.14 -5.58
CA VAL F 223 8.24 -19.88 -5.19
C VAL F 223 7.22 -18.96 -4.51
N GLU F 224 6.00 -18.90 -5.06
CA GLU F 224 4.96 -18.09 -4.44
C GLU F 224 4.66 -18.58 -3.03
N GLY F 225 4.54 -19.90 -2.86
CA GLY F 225 4.32 -20.45 -1.53
C GLY F 225 5.46 -20.15 -0.57
N VAL F 226 6.69 -20.30 -1.04
CA VAL F 226 7.86 -20.05 -0.19
C VAL F 226 7.93 -18.58 0.21
N TYR F 227 7.65 -17.68 -0.72
CA TYR F 227 7.64 -16.25 -0.41
C TYR F 227 6.57 -15.92 0.62
N LEU F 228 5.37 -16.49 0.46
CA LEU F 228 4.32 -16.25 1.45
C LEU F 228 4.73 -16.77 2.83
N TYR F 229 5.31 -17.98 2.88
CA TYR F 229 5.73 -18.55 4.15
C TYR F 229 6.85 -17.71 4.79
N THR F 230 7.79 -17.23 3.97
CA THR F 230 8.87 -16.40 4.49
C THR F 230 8.33 -15.09 5.05
N LEU F 231 7.36 -14.48 4.37
CA LEU F 231 6.74 -13.28 4.90
C LEU F 231 6.02 -13.55 6.21
N LEU F 232 5.30 -14.67 6.30
CA LEU F 232 4.48 -14.94 7.47
C LEU F 232 5.28 -15.46 8.66
N ALA F 233 6.46 -16.03 8.43
CA ALA F 233 7.15 -16.77 9.48
C ALA F 233 8.53 -16.23 9.85
N PHE F 234 9.25 -15.60 8.93
CA PHE F 234 10.62 -15.19 9.18
C PHE F 234 10.77 -13.68 9.34
N SER F 235 10.37 -12.91 8.33
CA SER F 235 10.48 -11.45 8.33
C SER F 235 11.93 -10.98 8.47
N VAL F 236 12.15 -9.67 8.29
CA VAL F 236 13.46 -9.05 8.37
C VAL F 236 14.39 -9.70 7.33
N LEU F 237 13.95 -9.69 6.07
CA LEU F 237 14.75 -10.18 4.96
C LEU F 237 15.03 -9.04 3.98
N SER F 238 16.06 -9.22 3.16
CA SER F 238 16.38 -8.24 2.13
C SER F 238 15.28 -8.23 1.06
N GLU F 239 15.43 -7.32 0.10
CA GLU F 239 14.48 -7.18 -0.99
C GLU F 239 15.05 -7.59 -2.34
N GLN F 240 16.17 -7.01 -2.75
CA GLN F 240 16.75 -7.36 -4.05
C GLN F 240 17.34 -8.76 -4.03
N TRP F 241 18.04 -9.12 -2.95
CA TRP F 241 18.68 -10.44 -2.88
C TRP F 241 17.65 -11.56 -2.87
N ILE F 242 16.58 -11.40 -2.08
CA ILE F 242 15.58 -12.45 -2.00
C ILE F 242 14.82 -12.57 -3.31
N PHE F 243 14.56 -11.44 -3.99
CA PHE F 243 13.89 -11.50 -5.28
C PHE F 243 14.78 -12.16 -6.33
N ARG F 244 16.07 -11.86 -6.33
CA ARG F 244 16.99 -12.52 -7.25
C ARG F 244 17.04 -14.02 -7.00
N LEU F 245 17.10 -14.41 -5.72
CA LEU F 245 17.11 -15.84 -5.38
C LEU F 245 15.82 -16.52 -5.83
N TYR F 246 14.67 -15.87 -5.61
CA TYR F 246 13.40 -16.46 -6.00
C TYR F 246 13.30 -16.60 -7.51
N VAL F 247 13.75 -15.60 -8.26
CA VAL F 247 13.72 -15.68 -9.72
C VAL F 247 14.65 -16.79 -10.21
N SER F 248 15.84 -16.90 -9.61
CA SER F 248 16.78 -17.94 -9.99
C SER F 248 16.19 -19.33 -9.73
N ILE F 249 15.54 -19.51 -8.58
CA ILE F 249 14.91 -20.80 -8.28
C ILE F 249 13.75 -21.08 -9.21
N GLY F 250 12.96 -20.05 -9.53
CA GLY F 250 11.82 -20.24 -10.41
C GLY F 250 12.21 -20.61 -11.84
N TRP F 251 13.30 -20.03 -12.33
CA TRP F 251 13.73 -20.27 -13.71
C TRP F 251 14.95 -21.18 -13.80
N GLY F 252 16.00 -20.90 -13.03
CA GLY F 252 17.22 -21.67 -13.16
C GLY F 252 17.10 -23.11 -12.69
N VAL F 253 16.40 -23.32 -11.56
CA VAL F 253 16.27 -24.67 -11.02
C VAL F 253 15.56 -25.61 -11.98
N PRO F 254 14.45 -25.23 -12.67
CA PRO F 254 13.85 -26.15 -13.64
C PRO F 254 14.81 -26.59 -14.74
N LEU F 255 15.83 -25.77 -15.02
CA LEU F 255 16.86 -26.14 -15.97
C LEU F 255 17.83 -27.18 -15.42
N LEU F 256 17.77 -27.48 -14.13
CA LEU F 256 18.67 -28.45 -13.52
C LEU F 256 18.16 -29.88 -13.59
N PHE F 257 16.91 -30.08 -14.02
CA PHE F 257 16.39 -31.43 -14.23
C PHE F 257 15.66 -31.62 -15.55
N VAL F 258 15.15 -30.55 -16.18
CA VAL F 258 14.53 -30.68 -17.49
C VAL F 258 15.60 -30.87 -18.55
N VAL F 259 16.67 -30.06 -18.50
CA VAL F 259 17.76 -30.21 -19.46
C VAL F 259 18.47 -31.54 -19.31
N PRO F 260 18.84 -32.00 -18.10
CA PRO F 260 19.39 -33.37 -18.00
C PRO F 260 18.44 -34.44 -18.48
N TRP F 261 17.12 -34.27 -18.25
CA TRP F 261 16.16 -35.22 -18.76
C TRP F 261 16.17 -35.28 -20.28
N GLY F 262 16.21 -34.11 -20.93
CA GLY F 262 16.30 -34.09 -22.39
C GLY F 262 17.59 -34.70 -22.88
N ILE F 263 18.70 -34.42 -22.19
CA ILE F 263 20.00 -34.96 -22.63
C ILE F 263 19.99 -36.48 -22.53
N VAL F 264 19.49 -37.03 -21.41
CA VAL F 264 19.49 -38.47 -21.25
C VAL F 264 18.49 -39.13 -22.20
N LYS F 265 17.37 -38.46 -22.47
CA LYS F 265 16.42 -38.98 -23.45
C LYS F 265 17.02 -39.03 -24.84
N TYR F 266 17.76 -37.99 -25.23
CA TYR F 266 18.42 -37.99 -26.52
C TYR F 266 19.50 -39.06 -26.58
N LEU F 267 20.24 -39.26 -25.48
CA LEU F 267 21.36 -40.18 -25.48
C LEU F 267 20.89 -41.64 -25.52
N TYR F 268 19.87 -41.98 -24.73
CA TYR F 268 19.49 -43.38 -24.58
C TYR F 268 18.47 -43.84 -25.62
N GLU F 269 17.26 -43.26 -25.62
CA GLU F 269 16.23 -43.67 -26.57
C GLU F 269 15.60 -42.42 -27.16
N ASP F 270 15.87 -42.17 -28.45
CA ASP F 270 15.29 -41.02 -29.12
C ASP F 270 13.80 -41.20 -29.37
N GLU F 271 13.42 -42.38 -29.86
CA GLU F 271 12.04 -42.74 -30.14
C GLU F 271 11.31 -41.69 -30.95
N GLY F 272 10.01 -41.52 -30.72
CA GLY F 272 9.20 -40.56 -31.44
C GLY F 272 9.14 -39.20 -30.80
N CYS F 273 10.26 -38.47 -30.85
CA CYS F 273 10.37 -37.11 -30.33
C CYS F 273 10.10 -37.01 -28.84
N TRP F 274 10.42 -38.07 -28.10
CA TRP F 274 10.34 -38.14 -26.63
C TRP F 274 8.92 -37.98 -26.11
N THR F 275 7.89 -38.11 -26.95
CA THR F 275 6.53 -37.85 -26.53
C THR F 275 5.96 -38.94 -25.63
N ARG F 276 6.51 -40.15 -25.68
CA ARG F 276 5.96 -41.30 -24.96
C ARG F 276 6.91 -41.70 -23.84
N ASN F 277 6.39 -41.77 -22.62
CA ASN F 277 7.16 -42.27 -21.49
C ASN F 277 7.08 -43.78 -21.43
N SER F 278 8.22 -44.46 -21.61
CA SER F 278 8.23 -45.90 -21.67
C SER F 278 9.17 -46.52 -20.64
N ASN F 279 10.32 -45.87 -20.41
CA ASN F 279 11.33 -46.42 -19.50
C ASN F 279 10.87 -46.41 -18.05
N MET F 280 10.06 -45.43 -17.66
CA MET F 280 9.53 -45.33 -16.29
C MET F 280 10.64 -45.17 -15.26
N ASN F 281 11.82 -44.76 -15.73
CA ASN F 281 12.90 -44.41 -14.80
C ASN F 281 13.54 -43.08 -15.18
N TYR F 282 13.39 -42.61 -16.42
CA TYR F 282 13.79 -41.26 -16.78
C TYR F 282 12.66 -40.26 -16.65
N TRP F 283 11.41 -40.73 -16.55
CA TRP F 283 10.28 -39.86 -16.26
C TRP F 283 10.30 -39.35 -14.83
N LEU F 284 10.96 -40.07 -13.92
CA LEU F 284 11.09 -39.60 -12.55
C LEU F 284 11.97 -38.35 -12.47
N ILE F 285 12.83 -38.14 -13.46
CA ILE F 285 13.71 -36.97 -13.46
C ILE F 285 12.88 -35.68 -13.47
N ILE F 286 11.76 -35.69 -14.19
CA ILE F 286 10.86 -34.54 -14.16
C ILE F 286 9.75 -34.72 -13.14
N ARG F 287 9.33 -35.97 -12.88
CA ARG F 287 8.20 -36.20 -11.99
C ARG F 287 8.54 -35.88 -10.53
N LEU F 288 9.68 -36.37 -10.05
CA LEU F 288 10.06 -36.23 -8.65
C LEU F 288 10.21 -34.78 -8.20
N PRO F 289 10.91 -33.92 -8.96
CA PRO F 289 10.94 -32.49 -8.55
C PRO F 289 9.56 -31.86 -8.49
N ILE F 290 8.67 -32.21 -9.42
CA ILE F 290 7.31 -31.67 -9.39
C ILE F 290 6.57 -32.16 -8.14
N LEU F 291 6.72 -33.43 -7.80
CA LEU F 291 6.08 -33.96 -6.60
C LEU F 291 6.63 -33.30 -5.34
N PHE F 292 7.94 -33.08 -5.30
CA PHE F 292 8.55 -32.39 -4.16
C PHE F 292 8.02 -30.97 -4.03
N ALA F 293 7.93 -30.25 -5.15
CA ALA F 293 7.39 -28.90 -5.11
C ALA F 293 5.94 -28.90 -4.66
N ILE F 294 5.13 -29.84 -5.14
CA ILE F 294 3.73 -29.93 -4.73
C ILE F 294 3.62 -30.23 -3.24
N GLY F 295 4.46 -31.14 -2.73
CA GLY F 295 4.41 -31.45 -1.31
C GLY F 295 4.81 -30.27 -0.43
N VAL F 296 5.87 -29.56 -0.83
CA VAL F 296 6.28 -28.38 -0.06
C VAL F 296 5.21 -27.30 -0.12
N ASN F 297 4.58 -27.13 -1.29
CA ASN F 297 3.50 -26.15 -1.40
C ASN F 297 2.31 -26.54 -0.54
N PHE F 298 2.01 -27.85 -0.45
CA PHE F 298 0.91 -28.30 0.40
C PHE F 298 1.23 -28.07 1.87
N LEU F 299 2.48 -28.31 2.27
CA LEU F 299 2.88 -28.03 3.65
C LEU F 299 2.76 -26.54 3.96
N ILE F 300 3.19 -25.68 3.03
CA ILE F 300 3.05 -24.25 3.22
C ILE F 300 1.56 -23.88 3.28
N PHE F 301 0.74 -24.53 2.47
CA PHE F 301 -0.69 -24.25 2.46
C PHE F 301 -1.32 -24.58 3.81
N VAL F 302 -1.01 -25.75 4.36
CA VAL F 302 -1.61 -26.13 5.64
C VAL F 302 -1.07 -25.23 6.76
N ARG F 303 0.20 -24.83 6.66
CA ARG F 303 0.75 -23.90 7.65
C ARG F 303 0.02 -22.56 7.62
N VAL F 304 -0.22 -22.03 6.41
CA VAL F 304 -0.91 -20.76 6.28
C VAL F 304 -2.36 -20.88 6.75
N ILE F 305 -2.99 -22.01 6.47
CA ILE F 305 -4.36 -22.24 6.95
C ILE F 305 -4.40 -22.26 8.47
N CYS F 306 -3.43 -22.94 9.09
CA CYS F 306 -3.36 -22.94 10.55
C CYS F 306 -3.13 -21.54 11.11
N ILE F 307 -2.28 -20.76 10.44
CA ILE F 307 -2.04 -19.39 10.88
C ILE F 307 -3.32 -18.56 10.79
N VAL F 308 -4.07 -18.72 9.70
CA VAL F 308 -5.32 -17.99 9.53
C VAL F 308 -6.32 -18.39 10.61
N VAL F 309 -6.42 -19.70 10.89
CA VAL F 309 -7.33 -20.16 11.93
C VAL F 309 -6.93 -19.58 13.29
N SER F 310 -5.63 -19.56 13.59
CA SER F 310 -5.17 -18.98 14.84
C SER F 310 -5.50 -17.50 14.93
N LYS F 311 -5.33 -16.76 13.83
CA LYS F 311 -5.66 -15.34 13.82
C LYS F 311 -7.16 -15.13 14.03
N LEU F 312 -7.99 -15.98 13.42
CA LEU F 312 -9.43 -15.82 13.57
C LEU F 312 -9.91 -16.22 14.97
N LYS F 313 -9.23 -17.16 15.62
CA LYS F 313 -9.67 -17.62 16.93
C LYS F 313 -9.16 -16.71 18.04
N ALA F 314 -7.85 -16.44 18.05
CA ALA F 314 -7.26 -15.70 19.16
C ALA F 314 -7.74 -14.25 19.20
N ASN F 315 -8.25 -13.74 18.09
CA ASN F 315 -8.69 -12.35 18.01
C ASN F 315 -10.04 -12.31 17.33
N LEU F 316 -10.48 -11.09 16.96
CA LEU F 316 -11.78 -10.87 16.32
C LEU F 316 -12.91 -11.38 17.21
N MET F 317 -13.01 -10.81 18.41
CA MET F 317 -14.02 -11.24 19.37
C MET F 317 -15.43 -10.90 18.92
N CYS F 318 -15.60 -9.97 17.97
CA CYS F 318 -16.92 -9.58 17.51
C CYS F 318 -17.63 -10.67 16.72
N LYS F 319 -16.92 -11.70 16.28
CA LYS F 319 -17.51 -12.78 15.51
C LYS F 319 -17.08 -14.13 16.08
N THR F 320 -17.98 -15.10 16.00
CA THR F 320 -17.69 -16.46 16.44
C THR F 320 -17.87 -17.43 15.29
N ASP F 321 -18.91 -17.22 14.48
CA ASP F 321 -19.16 -18.04 13.29
C ASP F 321 -18.28 -17.50 12.17
N ILE F 322 -17.09 -18.10 12.02
CA ILE F 322 -16.09 -17.64 11.08
C ILE F 322 -15.78 -18.70 10.02
N LYS F 323 -16.59 -19.77 9.96
CA LYS F 323 -16.34 -20.84 9.00
C LYS F 323 -16.42 -20.36 7.56
N CYS F 324 -17.33 -19.42 7.27
CA CYS F 324 -17.47 -18.91 5.91
C CYS F 324 -16.20 -18.18 5.47
N ARG F 325 -15.63 -17.35 6.35
CA ARG F 325 -14.41 -16.64 6.01
C ARG F 325 -13.25 -17.59 5.80
N LEU F 326 -13.13 -18.61 6.66
CA LEU F 326 -12.07 -19.60 6.50
C LEU F 326 -12.22 -20.37 5.19
N ALA F 327 -13.46 -20.74 4.85
CA ALA F 327 -13.70 -21.44 3.59
C ALA F 327 -13.33 -20.57 2.40
N LYS F 328 -13.71 -19.29 2.44
CA LYS F 328 -13.36 -18.37 1.35
C LYS F 328 -11.85 -18.22 1.24
N SER F 329 -11.16 -18.09 2.37
CA SER F 329 -9.71 -17.98 2.35
C SER F 329 -9.06 -19.22 1.76
N THR F 330 -9.55 -20.40 2.13
CA THR F 330 -9.00 -21.64 1.59
C THR F 330 -9.25 -21.73 0.08
N LEU F 331 -10.46 -21.38 -0.36
CA LEU F 331 -10.78 -21.45 -1.78
C LEU F 331 -9.99 -20.43 -2.59
N THR F 332 -9.63 -19.30 -1.98
CA THR F 332 -8.77 -18.33 -2.66
C THR F 332 -7.32 -18.79 -2.68
N LEU F 333 -6.84 -19.41 -1.61
CA LEU F 333 -5.44 -19.80 -1.51
C LEU F 333 -5.11 -21.04 -2.34
N ILE F 334 -6.09 -21.92 -2.56
CA ILE F 334 -5.81 -23.16 -3.31
C ILE F 334 -5.29 -22.89 -4.72
N PRO F 335 -5.93 -22.04 -5.54
CA PRO F 335 -5.37 -21.83 -6.90
C PRO F 335 -3.99 -21.22 -6.90
N LEU F 336 -3.67 -20.34 -5.94
CA LEU F 336 -2.38 -19.68 -5.95
C LEU F 336 -1.25 -20.66 -5.73
N LEU F 337 -1.41 -21.60 -4.80
CA LEU F 337 -0.38 -22.58 -4.51
C LEU F 337 -0.51 -23.86 -5.31
N GLY F 338 -1.60 -24.02 -6.08
CA GLY F 338 -1.80 -25.24 -6.84
C GLY F 338 -1.95 -26.47 -5.98
N THR F 339 -2.68 -26.36 -4.87
CA THR F 339 -2.85 -27.46 -3.94
C THR F 339 -3.92 -28.45 -4.37
N HIS F 340 -4.66 -28.15 -5.45
CA HIS F 340 -5.60 -29.13 -5.98
C HIS F 340 -4.91 -30.32 -6.64
N GLU F 341 -3.60 -30.23 -6.89
CA GLU F 341 -2.87 -31.37 -7.41
C GLU F 341 -2.71 -32.46 -6.36
N VAL F 342 -2.79 -32.08 -5.08
CA VAL F 342 -2.66 -33.04 -3.99
C VAL F 342 -3.77 -34.07 -4.01
N ILE F 343 -4.94 -33.72 -4.54
CA ILE F 343 -6.05 -34.66 -4.64
C ILE F 343 -5.69 -35.86 -5.51
N PHE F 344 -4.65 -35.73 -6.33
CA PHE F 344 -4.19 -36.82 -7.19
C PHE F 344 -2.66 -36.82 -7.16
N ALA F 345 -2.05 -37.49 -8.13
CA ALA F 345 -0.60 -37.64 -8.34
C ALA F 345 0.01 -38.61 -7.34
N PHE F 346 -0.73 -39.11 -6.35
CA PHE F 346 -0.26 -40.18 -5.48
C PHE F 346 -0.76 -41.55 -5.91
N VAL F 347 -1.51 -41.62 -7.01
CA VAL F 347 -2.02 -42.89 -7.51
C VAL F 347 -1.15 -43.47 -8.61
N MET F 348 -0.17 -42.72 -9.11
CA MET F 348 0.74 -43.17 -10.16
C MET F 348 0.00 -43.49 -11.44
N ASP F 349 0.68 -44.09 -12.41
CA ASP F 349 0.11 -44.40 -13.71
C ASP F 349 -0.28 -45.86 -13.87
N GLU F 350 0.51 -46.78 -13.31
CA GLU F 350 0.23 -48.21 -13.49
C GLU F 350 -0.95 -48.68 -12.64
N HIS F 351 -1.37 -47.89 -11.66
CA HIS F 351 -2.47 -48.29 -10.77
C HIS F 351 -3.84 -47.89 -11.30
N ALA F 352 -3.91 -47.15 -12.40
CA ALA F 352 -5.16 -46.64 -12.94
C ALA F 352 -5.35 -47.03 -14.40
N ARG F 353 -5.03 -48.28 -14.76
CA ARG F 353 -5.17 -48.72 -16.15
C ARG F 353 -6.59 -49.08 -16.51
N GLY F 354 -7.48 -49.28 -15.54
CA GLY F 354 -8.84 -49.70 -15.81
C GLY F 354 -9.77 -48.55 -16.17
N THR F 355 -10.93 -48.49 -15.51
CA THR F 355 -11.89 -47.42 -15.73
C THR F 355 -11.41 -46.07 -15.22
N LEU F 356 -10.28 -46.04 -14.50
CA LEU F 356 -9.67 -44.82 -14.00
C LEU F 356 -8.81 -44.22 -15.12
N ARG F 357 -8.01 -43.22 -14.75
CA ARG F 357 -7.16 -42.45 -15.67
C ARG F 357 -8.03 -41.59 -16.59
N PHE F 358 -9.36 -41.71 -16.45
CA PHE F 358 -10.25 -40.77 -17.11
C PHE F 358 -10.71 -39.69 -16.14
N ILE F 359 -11.15 -40.09 -14.95
CA ILE F 359 -11.52 -39.12 -13.92
C ILE F 359 -10.29 -38.33 -13.49
N LYS F 360 -9.19 -39.03 -13.22
CA LYS F 360 -7.97 -38.36 -12.78
C LYS F 360 -7.46 -37.38 -13.82
N LEU F 361 -7.32 -37.85 -15.07
CA LEU F 361 -6.82 -36.99 -16.13
C LEU F 361 -7.77 -35.82 -16.39
N PHE F 362 -9.08 -36.10 -16.42
CA PHE F 362 -10.06 -35.04 -16.66
C PHE F 362 -9.97 -33.96 -15.59
N THR F 363 -10.03 -34.35 -14.32
CA THR F 363 -10.00 -33.37 -13.24
C THR F 363 -8.68 -32.61 -13.23
N GLU F 364 -7.56 -33.31 -13.38
CA GLU F 364 -6.27 -32.63 -13.33
C GLU F 364 -6.09 -31.66 -14.49
N LEU F 365 -6.44 -32.09 -15.70
CA LEU F 365 -6.30 -31.22 -16.87
C LEU F 365 -7.22 -30.02 -16.79
N SER F 366 -8.48 -30.23 -16.36
CA SER F 366 -9.41 -29.11 -16.24
C SER F 366 -8.93 -28.11 -15.19
N PHE F 367 -8.51 -28.61 -14.03
CA PHE F 367 -8.04 -27.72 -12.97
C PHE F 367 -6.79 -26.97 -13.40
N THR F 368 -5.85 -27.65 -14.07
CA THR F 368 -4.65 -26.96 -14.54
C THR F 368 -4.98 -25.92 -15.59
N SER F 369 -5.89 -26.24 -16.51
CA SER F 369 -6.24 -25.31 -17.58
C SER F 369 -6.92 -24.06 -17.02
N PHE F 370 -7.82 -24.23 -16.05
CA PHE F 370 -8.54 -23.11 -15.48
C PHE F 370 -7.83 -22.47 -14.29
N GLN F 371 -6.68 -23.02 -13.86
CA GLN F 371 -5.95 -22.43 -12.75
C GLN F 371 -5.45 -21.04 -13.08
N GLY F 372 -4.95 -20.84 -14.29
CA GLY F 372 -4.50 -19.51 -14.69
C GLY F 372 -5.62 -18.50 -14.67
N LEU F 373 -6.78 -18.88 -15.20
CA LEU F 373 -7.95 -17.99 -15.16
C LEU F 373 -8.37 -17.68 -13.73
N MET F 374 -8.40 -18.71 -12.87
CA MET F 374 -8.81 -18.49 -11.49
C MET F 374 -7.84 -17.57 -10.75
N VAL F 375 -6.53 -17.77 -10.95
CA VAL F 375 -5.54 -16.93 -10.29
C VAL F 375 -5.64 -15.50 -10.80
N ALA F 376 -5.80 -15.33 -12.11
CA ALA F 376 -5.93 -13.99 -12.67
C ALA F 376 -7.17 -13.28 -12.13
N ILE F 377 -8.28 -14.00 -11.99
CA ILE F 377 -9.50 -13.39 -11.47
C ILE F 377 -9.32 -13.03 -9.99
N LEU F 378 -8.78 -13.96 -9.19
CA LEU F 378 -8.75 -13.78 -7.75
C LEU F 378 -7.71 -12.76 -7.30
N TYR F 379 -6.53 -12.76 -7.90
CA TYR F 379 -5.44 -11.92 -7.43
C TYR F 379 -5.22 -10.66 -8.25
N CYS F 380 -5.83 -10.55 -9.43
CA CYS F 380 -5.74 -9.34 -10.22
C CYS F 380 -7.09 -8.69 -10.47
N PHE F 381 -8.07 -9.46 -10.97
CA PHE F 381 -9.34 -8.86 -11.39
C PHE F 381 -10.16 -8.41 -10.19
N VAL F 382 -10.28 -9.24 -9.16
CA VAL F 382 -11.09 -8.91 -7.99
C VAL F 382 -10.25 -8.43 -6.82
N ASN F 383 -8.96 -8.23 -7.01
CA ASN F 383 -8.10 -7.73 -5.93
C ASN F 383 -8.55 -6.33 -5.52
N ASN F 384 -8.55 -6.07 -4.21
CA ASN F 384 -9.04 -4.78 -3.71
C ASN F 384 -8.16 -3.63 -4.18
N GLU F 385 -6.84 -3.81 -4.15
CA GLU F 385 -5.94 -2.73 -4.57
C GLU F 385 -6.08 -2.44 -6.05
N VAL F 386 -6.24 -3.47 -6.88
CA VAL F 386 -6.38 -3.26 -8.31
C VAL F 386 -7.66 -2.51 -8.62
N GLN F 387 -8.77 -2.90 -7.96
CA GLN F 387 -10.03 -2.19 -8.16
C GLN F 387 -9.95 -0.76 -7.66
N LEU F 388 -9.24 -0.54 -6.55
CA LEU F 388 -9.05 0.83 -6.06
C LEU F 388 -8.27 1.66 -7.06
N GLU F 389 -7.23 1.09 -7.65
CA GLU F 389 -6.46 1.82 -8.67
C GLU F 389 -7.31 2.10 -9.90
N PHE F 390 -8.15 1.15 -10.31
CA PHE F 390 -9.05 1.39 -11.44
C PHE F 390 -10.02 2.52 -11.13
N ARG F 391 -10.58 2.53 -9.92
CA ARG F 391 -11.48 3.62 -9.53
C ARG F 391 -10.76 4.96 -9.51
N LYS F 392 -9.53 4.99 -9.01
CA LYS F 392 -8.75 6.22 -9.01
C LYS F 392 -8.49 6.71 -10.42
N SER F 393 -8.14 5.80 -11.33
CA SER F 393 -7.92 6.19 -12.72
C SER F 393 -9.20 6.70 -13.36
N TRP F 394 -10.33 6.06 -13.07
CA TRP F 394 -11.61 6.52 -13.59
C TRP F 394 -11.93 7.93 -13.09
N GLU F 395 -11.69 8.18 -11.80
CA GLU F 395 -11.92 9.52 -11.26
C GLU F 395 -10.98 10.55 -11.90
N ARG F 396 -9.72 10.18 -12.10
CA ARG F 396 -8.78 11.09 -12.74
C ARG F 396 -9.21 11.43 -14.16
N TRP F 397 -9.66 10.43 -14.92
CA TRP F 397 -10.10 10.67 -16.28
C TRP F 397 -11.46 11.37 -16.36
N ARG F 398 -12.28 11.29 -15.31
CA ARG F 398 -13.60 11.89 -15.32
C ARG F 398 -13.61 13.34 -14.84
N LEU F 399 -12.50 13.84 -14.30
CA LEU F 399 -12.39 15.24 -13.92
C LEU F 399 -11.73 16.08 -14.99
N GLU F 400 -11.44 15.51 -16.16
CA GLU F 400 -10.87 16.23 -17.29
C GLU F 400 -9.53 16.90 -16.96
#